data_4B61
#
_entry.id   4B61
#
_cell.length_a   61.672
_cell.length_b   77.463
_cell.length_c   240.290
_cell.angle_alpha   90.00
_cell.angle_beta   90.00
_cell.angle_gamma   90.00
#
_symmetry.space_group_name_H-M   'P 21 21 21'
#
loop_
_entity.id
_entity.type
_entity.pdbx_description
1 polymer 'ALGINATE PRODUCTION PROTEIN ALGE'
2 non-polymer (2S)-2,3-DIHYDROXYPROPYL(7Z)-PENTADEC-7-ENOATE
3 non-polymer 'LAURYL DIMETHYLAMINE-N-OXIDE'
4 non-polymer 'MAGNESIUM ION'
5 non-polymer 'COPPER (II) ION'
6 non-polymer (2R)-2,3-DIHYDROXYPROPYL(7Z)-PENTADEC-7-ENOATE
7 non-polymer 'ACETATE ION'
8 water water
#
_entity_poly.entity_id   1
_entity_poly.type   'polypeptide(L)'
_entity_poly.pdbx_seq_one_letter_code
;ANSGEAPKNFGLDVKITGESENDRDLGTAPGGTLNDIGIDLRPWAFGQWGDWSAYFMGQAVAATDTIETDTLQSDTDDGN
NSRNDGREPDKSYLAAREFWVDYAGLTAYPGEHLRFGRQRLREDSGQWQDTNIEALNWSFETTLLNAHAGVAQRFSEYRT
DLDELAPEDKDRTHVFGDISTQWAPHHRIGVRIHHADDSGHLRRPGEEVDNLDKTYTGQLTWLGIEATGDAYNYRSSMPL
NYWASATWLTGDRDNLTTTTVDDRRIATGKQSGDVNAFGVDLGLRWNIDEQWKAGVGYARGSGGGKDGEEQFQQTGLESN
RSNFTGTRSRVHRFGEAFRGELSNLQAATLFGSWQLREDYDASLVYHKFWRVDDDSDIGTSGINAALQPGEKDIGQELDL
VVTKYFKQGLLPASMSQYVDEPSALIRFRGGLFKPGDAYGPGTDSTMHRAFVDFIWRF
;
_entity_poly.pdbx_strand_id   A,B
#
loop_
_chem_comp.id
_chem_comp.type
_chem_comp.name
_chem_comp.formula
78M non-polymer (2S)-2,3-DIHYDROXYPROPYL(7Z)-PENTADEC-7-ENOATE 'C18 H34 O4'
78N non-polymer (2R)-2,3-DIHYDROXYPROPYL(7Z)-PENTADEC-7-ENOATE 'C18 H34 O4'
ACT non-polymer 'ACETATE ION' 'C2 H3 O2 -1'
CU non-polymer 'COPPER (II) ION' 'Cu 2'
LDA non-polymer 'LAURYL DIMETHYLAMINE-N-OXIDE' 'C14 H31 N O'
MG non-polymer 'MAGNESIUM ION' 'Mg 2'
#
# COMPACT_ATOMS: atom_id res chain seq x y z
N PRO A 7 -37.86 -23.91 6.99
CA PRO A 7 -37.06 -23.56 5.80
C PRO A 7 -37.81 -23.84 4.50
N LYS A 8 -38.05 -22.77 3.74
CA LYS A 8 -38.92 -22.80 2.57
C LYS A 8 -38.11 -23.44 1.43
N ASN A 9 -38.66 -24.48 0.82
CA ASN A 9 -37.91 -25.31 -0.13
C ASN A 9 -38.00 -24.87 -1.58
N PHE A 10 -38.95 -24.01 -1.90
CA PHE A 10 -39.12 -23.48 -3.26
C PHE A 10 -39.93 -22.20 -3.20
N GLY A 11 -39.77 -21.38 -4.24
CA GLY A 11 -40.51 -20.15 -4.38
C GLY A 11 -40.47 -19.67 -5.81
N LEU A 12 -41.04 -18.49 -6.04
CA LEU A 12 -41.03 -17.89 -7.36
C LEU A 12 -40.97 -16.39 -7.12
N ASP A 13 -39.96 -15.74 -7.68
CA ASP A 13 -39.91 -14.29 -7.69
C ASP A 13 -40.40 -13.78 -9.03
N VAL A 14 -41.35 -12.86 -8.97
CA VAL A 14 -41.93 -12.30 -10.19
C VAL A 14 -41.63 -10.81 -10.21
N LYS A 15 -41.01 -10.35 -11.28
CA LYS A 15 -40.66 -8.95 -11.39
C LYS A 15 -41.20 -8.38 -12.69
N ILE A 16 -41.87 -7.24 -12.61
CA ILE A 16 -42.21 -6.46 -13.78
C ILE A 16 -41.39 -5.17 -13.79
N THR A 17 -40.70 -4.91 -14.89
CA THR A 17 -39.85 -3.73 -14.96
C THR A 17 -40.23 -2.89 -16.16
N GLY A 18 -40.31 -1.58 -15.98
CA GLY A 18 -40.30 -0.65 -17.08
C GLY A 18 -39.02 0.15 -17.07
N GLU A 19 -38.46 0.42 -18.23
CA GLU A 19 -37.26 1.24 -18.32
C GLU A 19 -37.45 2.36 -19.33
N SER A 20 -37.10 3.57 -18.93
CA SER A 20 -37.03 4.70 -19.84
C SER A 20 -35.60 5.23 -19.89
N GLU A 21 -35.02 5.21 -21.08
CA GLU A 21 -33.66 5.71 -21.27
C GLU A 21 -33.60 6.60 -22.51
N ASN A 22 -33.00 7.78 -22.35
CA ASN A 22 -32.97 8.78 -23.41
C ASN A 22 -32.03 9.91 -23.02
N ASP A 23 -30.89 10.05 -23.69
CA ASP A 23 -30.44 9.17 -24.76
C ASP A 23 -29.02 8.81 -24.40
N ARG A 24 -28.74 7.51 -24.34
CA ARG A 24 -27.46 6.99 -23.86
C ARG A 24 -26.27 7.59 -24.60
N ASP A 25 -26.46 7.91 -25.89
CA ASP A 25 -25.39 8.51 -26.69
C ASP A 25 -25.52 10.03 -26.86
N LEU A 26 -26.39 10.63 -26.07
CA LEU A 26 -26.58 12.08 -25.98
C LEU A 26 -27.01 12.63 -27.33
N GLY A 27 -27.63 11.75 -28.13
CA GLY A 27 -28.17 12.06 -29.42
C GLY A 27 -27.18 11.95 -30.58
N THR A 28 -25.95 11.52 -30.29
CA THR A 28 -24.94 11.50 -31.34
C THR A 28 -24.99 10.32 -32.31
N ALA A 29 -25.41 9.16 -31.80
CA ALA A 29 -25.52 7.96 -32.62
C ALA A 29 -26.96 7.47 -32.69
N PRO A 30 -27.24 6.50 -33.59
CA PRO A 30 -28.64 6.05 -33.70
C PRO A 30 -29.00 5.17 -32.52
N GLY A 31 -30.29 5.10 -32.19
CA GLY A 31 -30.74 4.28 -31.09
C GLY A 31 -30.09 4.68 -29.77
N GLY A 32 -30.05 3.72 -28.84
CA GLY A 32 -29.50 4.00 -27.54
C GLY A 32 -30.56 4.58 -26.62
N THR A 33 -31.82 4.58 -27.05
CA THR A 33 -32.84 4.90 -26.07
C THR A 33 -33.76 3.75 -25.78
N LEU A 34 -34.53 3.90 -24.70
CA LEU A 34 -35.46 2.88 -24.23
C LEU A 34 -36.82 3.43 -23.80
N ASN A 35 -37.89 2.74 -24.13
CA ASN A 35 -39.18 3.06 -23.52
C ASN A 35 -39.98 1.77 -23.58
N ASP A 36 -39.75 0.93 -22.58
CA ASP A 36 -40.13 -0.47 -22.69
C ASP A 36 -40.45 -1.13 -21.36
N ILE A 37 -41.04 -2.32 -21.43
CA ILE A 37 -41.54 -3.02 -20.26
C ILE A 37 -41.22 -4.50 -20.38
N GLY A 38 -41.03 -5.19 -19.26
CA GLY A 38 -40.75 -6.61 -19.32
C GLY A 38 -41.14 -7.34 -18.05
N ILE A 39 -41.17 -8.66 -18.12
CA ILE A 39 -41.40 -9.50 -16.95
C ILE A 39 -40.21 -10.43 -16.73
N ASP A 40 -39.91 -10.71 -15.47
CA ASP A 40 -38.73 -11.51 -15.13
C ASP A 40 -39.22 -12.49 -14.08
N LEU A 41 -39.14 -13.77 -14.41
CA LEU A 41 -39.61 -14.82 -13.50
C LEU A 41 -38.44 -15.64 -13.01
N ARG A 42 -38.33 -15.77 -11.69
CA ARG A 42 -37.22 -16.48 -11.09
C ARG A 42 -37.70 -17.57 -10.14
N PRO A 43 -37.91 -18.78 -10.68
CA PRO A 43 -38.18 -19.91 -9.80
C PRO A 43 -36.91 -20.26 -9.04
N TRP A 44 -37.05 -20.63 -7.77
CA TRP A 44 -35.92 -21.08 -6.99
C TRP A 44 -36.20 -22.30 -6.13
N ALA A 45 -35.13 -22.99 -5.75
CA ALA A 45 -35.23 -24.22 -4.98
C ALA A 45 -34.14 -24.17 -3.94
N PHE A 46 -34.44 -24.62 -2.73
CA PHE A 46 -33.46 -24.60 -1.66
C PHE A 46 -33.66 -25.84 -0.82
N GLY A 47 -32.56 -26.49 -0.44
CA GLY A 47 -32.57 -27.59 0.50
C GLY A 47 -31.52 -27.43 1.58
N GLN A 48 -31.78 -27.98 2.75
CA GLN A 48 -30.83 -27.88 3.85
C GLN A 48 -30.84 -29.20 4.61
N TRP A 49 -29.64 -29.70 4.85
CA TRP A 49 -29.39 -30.95 5.55
C TRP A 49 -28.18 -30.76 6.44
N GLY A 50 -28.44 -30.58 7.73
CA GLY A 50 -27.44 -30.23 8.72
C GLY A 50 -26.65 -28.99 8.32
N ASP A 51 -25.34 -29.11 8.25
CA ASP A 51 -24.49 -27.96 7.95
C ASP A 51 -24.45 -27.68 6.45
N TRP A 52 -25.04 -28.57 5.67
CA TRP A 52 -25.08 -28.40 4.22
C TRP A 52 -26.40 -27.82 3.74
N SER A 53 -26.28 -27.09 2.64
CA SER A 53 -27.41 -26.59 1.91
C SER A 53 -27.05 -26.41 0.44
N ALA A 54 -28.07 -26.23 -0.38
CA ALA A 54 -27.88 -26.09 -1.81
C ALA A 54 -29.02 -25.23 -2.35
N TYR A 55 -28.73 -24.52 -3.43
CA TYR A 55 -29.69 -23.57 -3.96
C TYR A 55 -29.56 -23.48 -5.46
N PHE A 56 -30.71 -23.30 -6.12
CA PHE A 56 -30.76 -23.04 -7.53
C PHE A 56 -31.76 -21.93 -7.74
N MET A 57 -31.40 -20.96 -8.57
CA MET A 57 -32.38 -20.02 -9.11
C MET A 57 -32.20 -19.91 -10.61
N GLY A 58 -33.31 -20.04 -11.31
CA GLY A 58 -33.31 -19.85 -12.75
C GLY A 58 -34.00 -18.54 -13.05
N GLN A 59 -34.19 -18.25 -14.32
CA GLN A 59 -34.72 -16.96 -14.71
C GLN A 59 -35.35 -17.06 -16.09
N ALA A 60 -36.55 -16.53 -16.22
CA ALA A 60 -37.18 -16.40 -17.52
C ALA A 60 -37.64 -14.97 -17.68
N VAL A 61 -37.30 -14.39 -18.84
CA VAL A 61 -37.55 -12.98 -19.08
C VAL A 61 -38.24 -12.83 -20.42
N ALA A 62 -39.25 -11.97 -20.48
CA ALA A 62 -39.83 -11.54 -21.74
C ALA A 62 -40.04 -10.05 -21.68
N ALA A 63 -39.51 -9.34 -22.67
CA ALA A 63 -39.63 -7.88 -22.69
C ALA A 63 -39.83 -7.35 -24.10
N THR A 64 -40.30 -6.11 -24.18
CA THR A 64 -40.54 -5.45 -25.45
C THR A 64 -39.24 -4.98 -26.12
N ASP A 65 -38.17 -4.92 -25.33
CA ASP A 65 -36.84 -4.65 -25.85
C ASP A 65 -35.81 -5.12 -24.83
N THR A 66 -34.54 -4.91 -25.13
CA THR A 66 -33.48 -5.48 -24.30
C THR A 66 -33.22 -4.57 -23.11
N ILE A 67 -34.12 -4.65 -22.13
CA ILE A 67 -34.06 -3.76 -20.98
C ILE A 67 -33.27 -4.43 -19.88
N GLU A 68 -32.91 -3.65 -18.87
CA GLU A 68 -32.20 -4.18 -17.72
C GLU A 68 -33.20 -4.62 -16.66
N THR A 69 -33.36 -5.93 -16.49
CA THR A 69 -34.23 -6.41 -15.41
C THR A 69 -33.46 -6.88 -14.19
N ASP A 70 -32.13 -6.91 -14.32
CA ASP A 70 -31.26 -7.39 -13.25
C ASP A 70 -30.10 -6.41 -13.16
N THR A 71 -30.03 -5.65 -12.06
CA THR A 71 -28.94 -4.69 -11.86
C THR A 71 -27.54 -5.33 -11.87
N LEU A 72 -27.46 -6.64 -11.62
CA LEU A 72 -26.16 -7.29 -11.58
C LEU A 72 -25.75 -7.94 -12.88
N GLN A 73 -26.52 -7.67 -13.93
CA GLN A 73 -26.36 -8.28 -15.25
C GLN A 73 -26.56 -9.80 -15.18
N ASN A 84 -20.87 -9.06 -32.36
CA ASN A 84 -20.75 -10.51 -32.37
C ASN A 84 -22.11 -11.17 -32.12
N ASP A 85 -22.42 -12.17 -32.95
CA ASP A 85 -23.66 -12.94 -32.86
C ASP A 85 -23.81 -13.49 -31.46
N GLY A 86 -22.69 -14.06 -31.02
CA GLY A 86 -22.52 -14.54 -29.67
C GLY A 86 -22.74 -13.53 -28.56
N ARG A 87 -22.70 -12.23 -28.79
CA ARG A 87 -23.04 -11.38 -27.68
C ARG A 87 -24.19 -10.37 -27.87
N GLU A 88 -25.14 -10.69 -28.75
CA GLU A 88 -26.34 -9.88 -28.92
C GLU A 88 -27.42 -10.60 -28.13
N PRO A 89 -27.94 -9.96 -27.07
CA PRO A 89 -28.99 -10.54 -26.23
C PRO A 89 -30.32 -10.54 -26.97
N ASP A 90 -31.24 -11.42 -26.60
CA ASP A 90 -32.59 -11.42 -27.17
C ASP A 90 -33.52 -10.71 -26.21
N LYS A 91 -34.67 -10.27 -26.72
CA LYS A 91 -35.69 -9.64 -25.90
C LYS A 91 -36.21 -10.64 -24.86
N SER A 92 -36.12 -11.93 -25.19
CA SER A 92 -36.53 -12.97 -24.26
C SER A 92 -35.49 -14.09 -24.22
N TYR A 93 -35.31 -14.67 -23.03
CA TYR A 93 -34.31 -15.71 -22.82
C TYR A 93 -34.59 -16.46 -21.52
N LEU A 94 -33.88 -17.57 -21.34
CA LEU A 94 -33.91 -18.26 -20.07
C LEU A 94 -32.49 -18.20 -19.53
N ALA A 95 -32.34 -18.25 -18.21
CA ALA A 95 -31.02 -18.27 -17.61
C ALA A 95 -30.95 -19.00 -16.28
N ALA A 96 -29.74 -19.43 -15.94
CA ALA A 96 -29.48 -19.96 -14.61
C ALA A 96 -28.69 -18.88 -13.86
N ARG A 97 -29.30 -18.35 -12.81
CA ARG A 97 -28.69 -17.25 -12.07
C ARG A 97 -27.71 -17.76 -11.04
N GLU A 98 -28.19 -18.67 -10.21
CA GLU A 98 -27.35 -19.23 -9.15
C GLU A 98 -27.54 -20.73 -9.06
N PHE A 99 -26.45 -21.41 -8.75
CA PHE A 99 -26.49 -22.83 -8.45
C PHE A 99 -25.26 -23.13 -7.60
N TRP A 100 -25.49 -23.46 -6.34
CA TRP A 100 -24.37 -23.72 -5.44
C TRP A 100 -24.68 -24.71 -4.33
N VAL A 101 -23.62 -25.23 -3.73
CA VAL A 101 -23.74 -25.99 -2.50
C VAL A 101 -22.94 -25.27 -1.43
N ASP A 102 -23.36 -25.38 -0.18
CA ASP A 102 -22.78 -24.61 0.89
C ASP A 102 -22.55 -25.49 2.11
N TYR A 103 -21.41 -25.31 2.77
CA TYR A 103 -21.15 -26.06 3.99
C TYR A 103 -20.78 -25.06 5.08
N ALA A 104 -21.54 -25.09 6.17
CA ALA A 104 -21.34 -24.14 7.26
C ALA A 104 -20.74 -24.79 8.51
N GLY A 105 -20.28 -26.02 8.38
CA GLY A 105 -19.85 -26.77 9.56
C GLY A 105 -18.39 -26.73 9.97
N LEU A 106 -17.56 -25.99 9.23
CA LEU A 106 -16.16 -25.87 9.62
C LEU A 106 -16.03 -25.27 11.01
N THR A 107 -16.86 -24.27 11.31
CA THR A 107 -16.88 -23.69 12.65
C THR A 107 -18.33 -23.48 13.09
N ALA A 108 -18.49 -23.27 14.39
CA ALA A 108 -19.79 -22.99 14.99
C ALA A 108 -20.29 -21.59 14.70
N TYR A 109 -19.44 -20.76 14.11
CA TYR A 109 -19.82 -19.40 13.78
C TYR A 109 -20.85 -19.43 12.66
N PRO A 110 -22.04 -18.89 12.91
CA PRO A 110 -23.11 -18.92 11.90
C PRO A 110 -22.78 -18.09 10.67
N GLY A 111 -21.99 -17.03 10.84
CA GLY A 111 -21.54 -16.25 9.70
C GLY A 111 -20.36 -16.88 8.98
N GLU A 112 -20.02 -18.11 9.33
CA GLU A 112 -18.91 -18.79 8.68
C GLU A 112 -19.43 -19.97 7.87
N HIS A 113 -19.12 -19.97 6.58
CA HIS A 113 -19.54 -21.03 5.67
C HIS A 113 -18.73 -21.01 4.38
N LEU A 114 -18.72 -22.12 3.66
CA LEU A 114 -17.95 -22.23 2.42
C LEU A 114 -18.94 -22.50 1.29
N ARG A 115 -18.90 -21.68 0.24
CA ARG A 115 -19.88 -21.82 -0.84
C ARG A 115 -19.23 -22.09 -2.20
N PHE A 116 -19.74 -23.11 -2.88
CA PHE A 116 -19.20 -23.54 -4.17
C PHE A 116 -20.26 -23.57 -5.26
N GLY A 117 -20.06 -22.79 -6.31
CA GLY A 117 -20.98 -22.77 -7.43
C GLY A 117 -21.19 -21.34 -7.93
N ARG A 118 -22.14 -21.14 -8.84
CA ARG A 118 -22.42 -19.80 -9.30
C ARG A 118 -23.23 -19.14 -8.20
N GLN A 119 -22.70 -18.06 -7.66
CA GLN A 119 -23.22 -17.49 -6.43
C GLN A 119 -23.10 -15.98 -6.40
N ARG A 120 -23.84 -15.36 -5.50
CA ARG A 120 -23.73 -13.92 -5.30
C ARG A 120 -22.48 -13.61 -4.49
N LEU A 121 -21.56 -12.87 -5.10
CA LEU A 121 -20.40 -12.37 -4.37
C LEU A 121 -20.69 -10.91 -4.14
N ARG A 122 -20.65 -10.48 -2.88
CA ARG A 122 -20.81 -9.06 -2.58
C ARG A 122 -20.03 -8.59 -1.38
N GLU A 123 -19.44 -7.40 -1.50
CA GLU A 123 -19.04 -6.64 -0.33
C GLU A 123 -19.81 -5.33 -0.26
N ASP A 124 -19.86 -4.74 0.93
CA ASP A 124 -20.81 -3.67 1.23
C ASP A 124 -20.73 -2.43 0.34
N SER A 125 -19.53 -2.09 -0.13
CA SER A 125 -19.38 -0.90 -0.97
C SER A 125 -19.88 -1.14 -2.39
N GLY A 126 -19.90 -2.41 -2.81
CA GLY A 126 -20.23 -2.74 -4.18
C GLY A 126 -19.15 -2.40 -5.20
N GLN A 127 -18.02 -1.89 -4.73
CA GLN A 127 -16.99 -1.38 -5.63
C GLN A 127 -15.91 -2.39 -5.99
N TRP A 128 -15.97 -3.57 -5.37
CA TRP A 128 -14.99 -4.61 -5.64
C TRP A 128 -15.68 -5.82 -6.22
N GLN A 129 -16.77 -6.23 -5.58
CA GLN A 129 -17.54 -7.36 -6.09
C GLN A 129 -19.02 -7.24 -5.73
N ASP A 130 -19.87 -7.39 -6.74
CA ASP A 130 -21.32 -7.45 -6.55
C ASP A 130 -21.93 -8.04 -7.81
N THR A 131 -21.88 -9.37 -7.91
CA THR A 131 -22.26 -10.06 -9.12
C THR A 131 -22.52 -11.54 -8.86
N ASN A 132 -23.19 -12.20 -9.79
CA ASN A 132 -23.32 -13.65 -9.76
C ASN A 132 -22.26 -14.24 -10.67
N ILE A 133 -21.43 -15.10 -10.09
CA ILE A 133 -20.33 -15.72 -10.82
C ILE A 133 -19.98 -17.09 -10.23
N GLU A 134 -19.52 -18.01 -11.08
CA GLU A 134 -19.00 -19.28 -10.61
C GLU A 134 -17.82 -19.04 -9.71
N ALA A 135 -17.88 -19.52 -8.47
CA ALA A 135 -16.84 -19.22 -7.51
C ALA A 135 -16.75 -20.29 -6.43
N LEU A 136 -15.62 -20.30 -5.74
CA LEU A 136 -15.50 -20.97 -4.46
C LEU A 136 -15.12 -19.89 -3.45
N ASN A 137 -15.99 -19.66 -2.47
CA ASN A 137 -15.82 -18.53 -1.57
C ASN A 137 -16.00 -18.91 -0.11
N TRP A 138 -14.98 -18.66 0.69
CA TRP A 138 -15.05 -18.88 2.12
C TRP A 138 -15.36 -17.57 2.83
N SER A 139 -16.37 -17.59 3.68
CA SER A 139 -16.72 -16.40 4.45
C SER A 139 -16.51 -16.69 5.92
N PHE A 140 -15.94 -15.73 6.61
CA PHE A 140 -15.78 -15.82 8.05
C PHE A 140 -16.17 -14.50 8.69
N GLU A 141 -17.38 -14.45 9.25
CA GLU A 141 -17.93 -13.22 9.79
C GLU A 141 -18.28 -13.43 11.26
N THR A 142 -17.53 -12.75 12.11
CA THR A 142 -17.77 -12.80 13.55
C THR A 142 -17.85 -11.39 14.09
N THR A 143 -18.12 -11.27 15.38
CA THR A 143 -18.31 -9.95 15.97
C THR A 143 -17.03 -9.11 15.89
N LEU A 144 -15.91 -9.70 16.25
CA LEU A 144 -14.65 -8.97 16.32
C LEU A 144 -13.80 -9.03 15.03
N LEU A 145 -14.01 -10.06 14.23
CA LEU A 145 -13.16 -10.28 13.07
C LEU A 145 -13.99 -10.76 11.87
N ASN A 146 -13.87 -10.07 10.74
CA ASN A 146 -14.43 -10.58 9.50
C ASN A 146 -13.28 -10.94 8.57
N ALA A 147 -13.46 -12.01 7.80
CA ALA A 147 -12.50 -12.39 6.77
C ALA A 147 -13.16 -13.16 5.64
N HIS A 148 -12.63 -12.99 4.43
CA HIS A 148 -13.09 -13.77 3.29
C HIS A 148 -11.92 -14.11 2.38
N ALA A 149 -12.08 -15.18 1.62
CA ALA A 149 -11.09 -15.57 0.62
C ALA A 149 -11.81 -16.39 -0.42
N GLY A 150 -11.49 -16.17 -1.69
CA GLY A 150 -12.15 -16.91 -2.74
C GLY A 150 -11.49 -16.84 -4.10
N VAL A 151 -11.99 -17.66 -5.01
CA VAL A 151 -11.56 -17.64 -6.40
C VAL A 151 -12.79 -17.69 -7.29
N ALA A 152 -12.74 -17.03 -8.44
CA ALA A 152 -13.89 -17.01 -9.33
C ALA A 152 -13.43 -16.85 -10.77
N GLN A 153 -14.24 -17.39 -11.69
CA GLN A 153 -14.02 -17.25 -13.11
C GLN A 153 -15.33 -17.47 -13.84
N ARG A 154 -15.58 -16.72 -14.90
CA ARG A 154 -16.75 -16.98 -15.74
C ARG A 154 -16.43 -18.05 -16.76
N PHE A 155 -17.33 -19.02 -16.90
CA PHE A 155 -17.20 -20.06 -17.91
C PHE A 155 -18.32 -20.00 -18.94
N SER A 156 -19.42 -19.35 -18.57
CA SER A 156 -20.56 -19.19 -19.44
C SER A 156 -21.45 -18.08 -18.90
N GLU A 157 -22.35 -17.58 -19.74
CA GLU A 157 -23.42 -16.69 -19.28
C GLU A 157 -24.60 -17.49 -18.77
N TYR A 158 -24.61 -18.79 -19.06
CA TYR A 158 -25.74 -19.65 -18.73
C TYR A 158 -27.05 -19.04 -19.19
N ARG A 159 -27.05 -18.53 -20.42
CA ARG A 159 -28.20 -17.87 -20.99
C ARG A 159 -28.49 -18.45 -22.37
N THR A 160 -29.77 -18.58 -22.69
CA THR A 160 -30.20 -19.14 -23.97
C THR A 160 -29.91 -18.21 -25.15
N ASP A 161 -29.74 -16.92 -24.90
CA ASP A 161 -29.53 -15.96 -25.97
C ASP A 161 -28.06 -15.62 -26.20
N LEU A 162 -27.22 -15.93 -25.22
CA LEU A 162 -25.80 -15.61 -25.34
C LEU A 162 -25.01 -16.91 -25.45
N ASP A 163 -24.32 -17.10 -26.58
CA ASP A 163 -23.67 -18.38 -26.80
C ASP A 163 -22.23 -18.34 -26.30
N GLU A 164 -21.71 -17.12 -26.15
CA GLU A 164 -20.31 -16.93 -25.81
C GLU A 164 -20.16 -15.94 -24.67
N LEU A 165 -19.04 -16.06 -23.96
CA LEU A 165 -18.62 -15.05 -22.99
C LEU A 165 -18.04 -13.85 -23.70
N ALA A 166 -18.17 -12.68 -23.08
CA ALA A 166 -17.41 -11.52 -23.53
C ALA A 166 -15.93 -11.89 -23.47
N PRO A 167 -15.14 -11.45 -24.46
CA PRO A 167 -13.71 -11.75 -24.48
C PRO A 167 -12.96 -11.33 -23.21
N GLU A 168 -13.32 -10.20 -22.62
CA GLU A 168 -12.67 -9.75 -21.39
C GLU A 168 -12.83 -10.73 -20.23
N ASP A 169 -13.94 -11.45 -20.19
CA ASP A 169 -14.23 -12.37 -19.10
C ASP A 169 -13.64 -13.75 -19.34
N LYS A 170 -13.44 -14.09 -20.61
CA LYS A 170 -13.02 -15.42 -21.02
C LYS A 170 -11.61 -15.70 -20.49
N ASP A 171 -11.42 -16.82 -19.81
CA ASP A 171 -10.13 -17.22 -19.26
C ASP A 171 -9.51 -16.19 -18.30
N ARG A 172 -10.35 -15.34 -17.74
CA ARG A 172 -9.90 -14.38 -16.73
C ARG A 172 -10.22 -14.97 -15.36
N THR A 173 -9.18 -15.19 -14.56
CA THR A 173 -9.37 -15.75 -13.23
C THR A 173 -9.22 -14.70 -12.14
N HIS A 174 -10.12 -14.74 -11.18
CA HIS A 174 -10.09 -13.81 -10.07
C HIS A 174 -9.75 -14.54 -8.77
N VAL A 175 -8.85 -13.96 -7.99
N VAL A 175 -8.87 -13.94 -7.99
CA VAL A 175 -8.56 -14.46 -6.65
CA VAL A 175 -8.59 -14.43 -6.65
C VAL A 175 -8.56 -13.26 -5.68
C VAL A 175 -8.57 -13.26 -5.68
N PHE A 176 -9.22 -13.42 -4.54
CA PHE A 176 -9.47 -12.28 -3.68
C PHE A 176 -9.62 -12.67 -2.23
N GLY A 177 -9.46 -11.69 -1.36
CA GLY A 177 -9.56 -11.91 0.07
C GLY A 177 -9.68 -10.60 0.82
N ASP A 178 -10.11 -10.68 2.07
CA ASP A 178 -10.15 -9.50 2.92
C ASP A 178 -10.12 -9.94 4.37
N ILE A 179 -9.74 -9.02 5.24
CA ILE A 179 -9.74 -9.25 6.67
C ILE A 179 -10.01 -7.89 7.30
N SER A 180 -10.76 -7.89 8.39
CA SER A 180 -11.09 -6.64 9.06
C SER A 180 -11.50 -6.93 10.47
N THR A 181 -11.41 -5.92 11.33
CA THR A 181 -11.78 -6.09 12.72
C THR A 181 -12.60 -4.91 13.16
N GLN A 182 -13.51 -5.18 14.10
CA GLN A 182 -14.28 -4.15 14.75
C GLN A 182 -13.51 -3.69 15.97
N TRP A 183 -12.89 -2.53 15.88
CA TRP A 183 -12.02 -2.04 16.94
C TRP A 183 -12.79 -1.32 18.02
N ALA A 184 -13.98 -0.84 17.66
CA ALA A 184 -14.94 -0.37 18.63
C ALA A 184 -16.26 -0.79 18.05
N PRO A 185 -17.35 -0.79 18.85
CA PRO A 185 -18.64 -1.23 18.28
C PRO A 185 -18.99 -0.36 17.08
N HIS A 186 -19.19 -0.99 15.92
CA HIS A 186 -19.61 -0.32 14.68
C HIS A 186 -18.51 0.45 13.96
N HIS A 187 -17.26 0.37 14.43
CA HIS A 187 -16.19 1.07 13.73
C HIS A 187 -15.24 -0.02 13.27
N ARG A 188 -15.07 -0.11 11.96
CA ARG A 188 -14.30 -1.19 11.38
C ARG A 188 -13.10 -0.71 10.56
N ILE A 189 -11.99 -1.44 10.61
CA ILE A 189 -10.83 -1.15 9.78
CA ILE A 189 -10.84 -1.13 9.75
C ILE A 189 -10.40 -2.45 9.10
N GLY A 190 -10.06 -2.39 7.83
CA GLY A 190 -9.71 -3.61 7.13
C GLY A 190 -8.88 -3.41 5.89
N VAL A 191 -8.35 -4.52 5.38
CA VAL A 191 -7.64 -4.52 4.13
C VAL A 191 -8.30 -5.53 3.21
N ARG A 192 -8.09 -5.35 1.92
CA ARG A 192 -8.78 -6.14 0.92
C ARG A 192 -7.85 -6.31 -0.28
N ILE A 193 -7.85 -7.51 -0.84
CA ILE A 193 -7.06 -7.78 -2.02
C ILE A 193 -7.88 -8.47 -3.10
N HIS A 194 -7.55 -8.17 -4.35
CA HIS A 194 -8.17 -8.84 -5.47
C HIS A 194 -7.12 -8.96 -6.56
N HIS A 195 -7.09 -10.10 -7.25
CA HIS A 195 -6.17 -10.24 -8.36
C HIS A 195 -6.91 -10.84 -9.55
N ALA A 196 -6.76 -10.24 -10.72
CA ALA A 196 -7.38 -10.78 -11.93
C ALA A 196 -6.29 -11.11 -12.93
N ASP A 197 -6.29 -12.35 -13.42
CA ASP A 197 -5.30 -12.76 -14.41
C ASP A 197 -5.96 -13.32 -15.66
N ASP A 198 -5.48 -12.87 -16.82
CA ASP A 198 -5.86 -13.51 -18.08
C ASP A 198 -4.70 -13.43 -19.07
N SER A 199 -3.50 -13.23 -18.52
CA SER A 199 -2.29 -13.06 -19.31
C SER A 199 -1.96 -14.29 -20.15
N GLY A 200 -1.38 -14.06 -21.32
CA GLY A 200 -0.94 -15.14 -22.18
C GLY A 200 -2.04 -15.71 -23.06
N HIS A 201 -3.23 -15.10 -23.02
CA HIS A 201 -4.35 -15.58 -23.82
C HIS A 201 -4.58 -14.75 -25.07
N LEU A 202 -3.58 -13.96 -25.46
CA LEU A 202 -3.65 -13.19 -26.70
C LEU A 202 -3.38 -14.08 -27.91
N ARG A 203 -3.84 -13.64 -29.08
CA ARG A 203 -3.53 -14.33 -30.32
C ARG A 203 -2.05 -14.18 -30.65
N ARG A 204 -1.40 -15.29 -30.97
CA ARG A 204 -0.01 -15.27 -31.39
C ARG A 204 0.05 -14.83 -32.84
N PRO A 205 1.05 -14.01 -33.20
CA PRO A 205 1.20 -13.48 -34.57
C PRO A 205 1.09 -14.54 -35.66
N GLY A 206 0.31 -14.24 -36.69
CA GLY A 206 0.08 -15.17 -37.79
C GLY A 206 -1.34 -15.69 -37.81
N GLU A 207 -1.97 -15.74 -36.64
CA GLU A 207 -3.32 -16.26 -36.52
C GLU A 207 -4.38 -15.20 -36.86
N GLU A 208 -5.47 -15.65 -37.48
CA GLU A 208 -6.61 -14.78 -37.75
C GLU A 208 -7.29 -14.41 -36.44
N VAL A 209 -7.67 -13.14 -36.32
CA VAL A 209 -8.35 -12.67 -35.11
C VAL A 209 -9.82 -12.34 -35.37
N ASP A 210 -10.70 -13.02 -34.65
CA ASP A 210 -12.14 -12.85 -34.81
C ASP A 210 -12.66 -11.72 -33.94
N ASN A 211 -13.96 -11.46 -34.02
CA ASN A 211 -14.60 -10.48 -33.15
C ASN A 211 -14.71 -10.99 -31.72
N LEU A 212 -14.46 -12.29 -31.55
CA LEU A 212 -14.59 -12.94 -30.25
C LEU A 212 -13.27 -12.96 -29.50
N ASP A 213 -12.20 -12.54 -30.17
CA ASP A 213 -10.87 -12.55 -29.56
C ASP A 213 -10.62 -11.34 -28.67
N LYS A 214 -9.64 -11.45 -27.79
CA LYS A 214 -9.28 -10.37 -26.88
C LYS A 214 -8.44 -9.31 -27.59
N THR A 215 -8.61 -8.06 -27.16
CA THR A 215 -7.76 -6.98 -27.66
C THR A 215 -6.62 -6.74 -26.68
N TYR A 216 -6.74 -7.31 -25.49
CA TYR A 216 -5.69 -7.21 -24.48
C TYR A 216 -5.79 -8.31 -23.42
N THR A 217 -4.69 -8.53 -22.71
CA THR A 217 -4.67 -9.39 -21.55
C THR A 217 -3.97 -8.65 -20.42
N GLY A 218 -4.24 -9.04 -19.18
CA GLY A 218 -3.64 -8.37 -18.04
C GLY A 218 -3.40 -9.26 -16.84
N GLN A 219 -2.48 -8.83 -15.99
CA GLN A 219 -2.39 -9.33 -14.62
C GLN A 219 -2.47 -8.17 -13.63
N LEU A 220 -3.57 -8.06 -12.90
CA LEU A 220 -3.83 -6.87 -12.12
C LEU A 220 -4.17 -7.23 -10.69
N THR A 221 -3.67 -6.42 -9.77
CA THR A 221 -3.85 -6.65 -8.35
C THR A 221 -4.33 -5.37 -7.71
N TRP A 222 -5.45 -5.44 -6.99
CA TRP A 222 -5.94 -4.31 -6.24
C TRP A 222 -5.63 -4.52 -4.77
N LEU A 223 -5.05 -3.50 -4.15
CA LEU A 223 -4.75 -3.56 -2.73
C LEU A 223 -5.36 -2.38 -2.01
N GLY A 224 -6.26 -2.66 -1.07
CA GLY A 224 -7.04 -1.59 -0.47
C GLY A 224 -7.03 -1.64 1.04
N ILE A 225 -7.07 -0.47 1.66
CA ILE A 225 -7.42 -0.38 3.06
C ILE A 225 -8.83 0.20 3.10
N GLU A 226 -9.57 -0.06 4.17
CA GLU A 226 -10.91 0.51 4.30
C GLU A 226 -11.33 0.66 5.75
N ALA A 227 -11.80 1.85 6.10
CA ALA A 227 -12.28 2.14 7.43
C ALA A 227 -13.74 2.54 7.27
N THR A 228 -14.60 1.97 8.12
CA THR A 228 -16.02 2.29 8.08
C THR A 228 -16.64 2.39 9.46
N GLY A 229 -17.58 3.31 9.60
CA GLY A 229 -18.36 3.43 10.82
C GLY A 229 -19.83 3.38 10.48
N ASP A 230 -20.39 2.17 10.47
CA ASP A 230 -21.77 1.94 10.02
C ASP A 230 -22.04 2.56 8.66
N ALA A 231 -21.05 2.52 7.77
CA ALA A 231 -21.15 3.13 6.45
C ALA A 231 -22.41 2.71 5.71
N TYR A 232 -22.70 1.42 5.76
CA TYR A 232 -23.77 0.84 4.96
C TYR A 232 -24.88 0.25 5.82
N ASN A 233 -24.95 0.73 7.06
CA ASN A 233 -25.95 0.28 8.01
C ASN A 233 -27.09 1.29 8.09
N TYR A 234 -28.20 0.99 7.43
CA TYR A 234 -29.33 1.90 7.39
C TYR A 234 -30.03 2.02 8.74
N ARG A 235 -29.76 1.08 9.63
CA ARG A 235 -30.36 1.07 10.96
C ARG A 235 -29.40 1.54 12.05
N SER A 236 -28.44 2.38 11.69
CA SER A 236 -27.39 2.81 12.62
C SER A 236 -27.95 3.57 13.82
N SER A 237 -27.39 3.32 15.00
CA SER A 237 -27.76 4.05 16.20
C SER A 237 -26.83 5.23 16.47
N MET A 238 -25.87 5.45 15.57
CA MET A 238 -24.88 6.51 15.77
C MET A 238 -25.33 7.75 15.04
N PRO A 239 -24.99 8.93 15.58
CA PRO A 239 -25.41 10.16 14.89
C PRO A 239 -24.58 10.44 13.63
N LEU A 240 -23.38 9.88 13.56
CA LEU A 240 -22.56 10.08 12.37
C LEU A 240 -22.02 8.74 11.88
N ASN A 241 -22.03 8.57 10.56
CA ASN A 241 -21.46 7.38 9.94
C ASN A 241 -20.45 7.81 8.89
N TYR A 242 -19.55 6.91 8.52
CA TYR A 242 -18.53 7.26 7.55
C TYR A 242 -17.95 6.04 6.85
N TRP A 243 -17.38 6.27 5.68
CA TRP A 243 -16.53 5.29 5.02
C TRP A 243 -15.28 6.01 4.51
N ALA A 244 -14.16 5.29 4.48
CA ALA A 244 -12.97 5.80 3.84
C ALA A 244 -12.17 4.61 3.32
N SER A 245 -11.82 4.68 2.04
CA SER A 245 -11.02 3.61 1.44
C SER A 245 -10.02 4.15 0.43
N ALA A 246 -8.91 3.44 0.30
CA ALA A 246 -7.84 3.81 -0.59
C ALA A 246 -7.41 2.52 -1.24
N THR A 247 -7.27 2.52 -2.56
CA THR A 247 -7.01 1.29 -3.28
C THR A 247 -5.92 1.50 -4.32
N TRP A 248 -4.91 0.63 -4.26
CA TRP A 248 -3.80 0.68 -5.20
C TRP A 248 -3.95 -0.41 -6.25
N LEU A 249 -3.87 -0.01 -7.52
CA LEU A 249 -3.95 -0.97 -8.62
C LEU A 249 -2.58 -1.08 -9.28
N THR A 250 -2.05 -2.30 -9.36
CA THR A 250 -0.76 -2.48 -10.00
C THR A 250 -0.76 -3.70 -10.92
N GLY A 251 0.27 -3.79 -11.76
CA GLY A 251 0.43 -4.91 -12.68
C GLY A 251 0.75 -4.44 -14.09
N ASP A 252 0.26 -5.19 -15.07
CA ASP A 252 0.54 -4.85 -16.47
C ASP A 252 -0.50 -5.42 -17.44
N ARG A 253 -0.60 -4.81 -18.62
CA ARG A 253 -1.55 -5.25 -19.62
C ARG A 253 -0.84 -5.32 -20.98
N ASP A 254 -1.03 -6.41 -21.70
CA ASP A 254 -0.47 -6.55 -23.04
C ASP A 254 -1.52 -6.21 -24.10
N ASN A 255 -1.24 -5.19 -24.91
CA ASN A 255 -2.17 -4.80 -25.97
C ASN A 255 -1.89 -5.47 -27.30
N LEU A 256 -2.88 -6.19 -27.80
CA LEU A 256 -2.78 -6.92 -29.07
C LEU A 256 -2.69 -5.96 -30.26
N THR A 257 -1.75 -6.24 -31.17
CA THR A 257 -1.59 -5.43 -32.36
C THR A 257 -1.95 -6.25 -33.62
N THR A 258 -2.56 -5.57 -34.60
CA THR A 258 -3.04 -6.27 -35.79
C THR A 258 -2.74 -5.56 -37.10
N THR A 259 -3.08 -6.23 -38.19
CA THR A 259 -3.06 -5.66 -39.53
C THR A 259 -4.14 -6.36 -40.34
N THR A 260 -4.61 -5.73 -41.41
CA THR A 260 -5.68 -6.31 -42.20
C THR A 260 -5.21 -6.70 -43.59
N VAL A 261 -5.32 -7.98 -43.91
CA VAL A 261 -4.95 -8.50 -45.23
C VAL A 261 -6.11 -9.25 -45.86
N ASP A 262 -6.49 -8.85 -47.08
CA ASP A 262 -7.58 -9.47 -47.82
C ASP A 262 -8.83 -9.59 -46.96
N ASP A 263 -9.27 -8.45 -46.43
CA ASP A 263 -10.49 -8.36 -45.63
C ASP A 263 -10.44 -9.21 -44.36
N ARG A 264 -9.23 -9.57 -43.94
CA ARG A 264 -9.05 -10.43 -42.77
C ARG A 264 -8.02 -9.85 -41.82
N ARG A 265 -8.43 -9.66 -40.56
CA ARG A 265 -7.54 -9.11 -39.54
C ARG A 265 -6.64 -10.22 -39.01
N ILE A 266 -5.42 -9.86 -38.62
CA ILE A 266 -4.43 -10.83 -38.20
C ILE A 266 -3.43 -10.28 -37.19
N ALA A 267 -3.10 -11.08 -36.17
CA ALA A 267 -2.20 -10.66 -35.11
C ALA A 267 -0.77 -10.45 -35.62
N THR A 268 -0.13 -9.40 -35.15
CA THR A 268 1.23 -9.07 -35.55
C THR A 268 2.19 -9.06 -34.36
N GLY A 269 1.62 -9.01 -33.16
CA GLY A 269 2.42 -8.98 -31.94
C GLY A 269 1.65 -8.45 -30.76
N LYS A 270 2.33 -7.69 -29.91
CA LYS A 270 1.70 -7.11 -28.73
C LYS A 270 2.49 -5.91 -28.21
N GLN A 271 1.80 -5.00 -27.53
CA GLN A 271 2.44 -3.87 -26.88
C GLN A 271 2.14 -3.89 -25.38
N SER A 272 3.20 -3.81 -24.58
CA SER A 272 3.07 -4.01 -23.14
C SER A 272 3.34 -2.73 -22.36
N GLY A 273 2.71 -2.62 -21.20
CA GLY A 273 2.98 -1.53 -20.28
C GLY A 273 2.51 -1.88 -18.88
N ASP A 274 3.21 -1.35 -17.88
CA ASP A 274 2.80 -1.48 -16.48
C ASP A 274 1.57 -0.67 -16.14
N VAL A 275 0.79 -1.14 -15.16
CA VAL A 275 -0.31 -0.34 -14.65
C VAL A 275 0.09 0.08 -13.23
N ASN A 276 -0.12 1.33 -12.88
CA ASN A 276 0.17 1.80 -11.52
C ASN A 276 -0.78 2.90 -11.09
N ALA A 277 -1.95 2.52 -10.58
CA ALA A 277 -3.02 3.49 -10.42
C ALA A 277 -3.56 3.47 -8.98
N PHE A 278 -4.41 4.44 -8.67
CA PHE A 278 -4.85 4.65 -7.29
C PHE A 278 -6.28 5.16 -7.26
N GLY A 279 -7.07 4.63 -6.33
CA GLY A 279 -8.44 5.05 -6.14
C GLY A 279 -8.77 5.35 -4.69
N VAL A 280 -9.68 6.29 -4.47
CA VAL A 280 -10.07 6.66 -3.12
C VAL A 280 -11.57 6.97 -3.10
N ASP A 281 -12.23 6.66 -1.99
CA ASP A 281 -13.65 6.95 -1.84
C ASP A 281 -13.89 7.30 -0.37
N LEU A 282 -14.50 8.46 -0.13
CA LEU A 282 -14.72 8.94 1.23
C LEU A 282 -16.16 9.40 1.34
N GLY A 283 -16.76 9.18 2.50
CA GLY A 283 -18.11 9.62 2.75
C GLY A 283 -18.46 9.80 4.21
N LEU A 284 -19.41 10.70 4.46
CA LEU A 284 -19.82 11.02 5.82
C LEU A 284 -21.33 11.17 5.81
N ARG A 285 -22.01 10.52 6.75
CA ARG A 285 -23.48 10.56 6.74
C ARG A 285 -23.97 10.97 8.12
N TRP A 286 -24.83 11.99 8.14
CA TRP A 286 -25.44 12.46 9.37
C TRP A 286 -26.75 11.71 9.54
N ASN A 287 -26.88 11.00 10.66
CA ASN A 287 -28.15 10.40 11.05
C ASN A 287 -28.92 11.40 11.89
N ILE A 288 -29.71 12.23 11.23
CA ILE A 288 -30.35 13.37 11.88
C ILE A 288 -31.39 12.92 12.89
N ASP A 289 -32.22 11.97 12.49
CA ASP A 289 -33.03 11.21 13.43
C ASP A 289 -33.33 9.81 12.88
N GLU A 290 -34.40 9.20 13.40
CA GLU A 290 -34.77 7.86 12.97
C GLU A 290 -35.18 7.81 11.50
N GLN A 291 -35.60 8.94 10.94
CA GLN A 291 -36.06 8.94 9.55
C GLN A 291 -35.15 9.70 8.59
N TRP A 292 -34.62 10.83 9.03
CA TRP A 292 -33.91 11.71 8.11
C TRP A 292 -32.42 11.47 8.18
N LYS A 293 -31.77 11.43 7.01
CA LYS A 293 -30.33 11.38 6.93
C LYS A 293 -29.82 12.31 5.85
N ALA A 294 -28.57 12.73 5.95
CA ALA A 294 -27.95 13.47 4.87
C ALA A 294 -26.45 13.26 4.95
N GLY A 295 -25.75 13.55 3.86
CA GLY A 295 -24.33 13.27 3.79
C GLY A 295 -23.61 13.86 2.60
N VAL A 296 -22.30 13.63 2.58
CA VAL A 296 -21.45 14.12 1.51
C VAL A 296 -20.48 13.00 1.19
N GLY A 297 -20.04 12.95 -0.06
CA GLY A 297 -19.11 11.93 -0.49
C GLY A 297 -18.08 12.48 -1.45
N TYR A 298 -16.91 11.86 -1.47
CA TYR A 298 -15.90 12.18 -2.46
C TYR A 298 -15.21 10.91 -2.90
N ALA A 299 -15.01 10.77 -4.20
CA ALA A 299 -14.31 9.61 -4.74
C ALA A 299 -13.47 10.05 -5.91
N ARG A 300 -12.36 9.35 -6.14
CA ARG A 300 -11.48 9.67 -7.25
C ARG A 300 -10.72 8.44 -7.71
N GLY A 301 -10.74 8.20 -9.01
CA GLY A 301 -9.91 7.18 -9.62
C GLY A 301 -8.90 7.87 -10.50
N SER A 302 -7.62 7.58 -10.32
CA SER A 302 -6.57 8.24 -11.07
C SER A 302 -6.75 7.99 -12.57
N GLY A 303 -6.14 8.83 -13.40
CA GLY A 303 -6.28 8.69 -14.83
C GLY A 303 -5.04 9.00 -15.66
N GLY A 304 -5.06 8.49 -16.89
CA GLY A 304 -4.05 8.80 -17.89
C GLY A 304 -2.66 8.25 -17.61
N GLY A 305 -1.66 9.13 -17.73
CA GLY A 305 -0.27 8.75 -17.52
C GLY A 305 0.30 8.11 -18.77
N LYS A 306 1.58 7.77 -18.72
CA LYS A 306 2.26 7.13 -19.84
C LYS A 306 1.60 5.83 -20.24
N ASP A 307 1.11 5.75 -21.48
CA ASP A 307 0.36 4.58 -21.95
C ASP A 307 -0.74 4.13 -20.99
N GLY A 308 -1.48 5.08 -20.44
CA GLY A 308 -2.63 4.73 -19.62
C GLY A 308 -2.25 4.08 -18.30
N GLU A 309 -0.99 4.14 -17.91
CA GLU A 309 -0.62 3.44 -16.72
C GLU A 309 -1.15 4.05 -15.43
N GLU A 310 -1.51 5.31 -15.41
CA GLU A 310 -2.07 5.90 -14.20
C GLU A 310 -3.59 5.80 -14.19
N GLN A 311 -4.12 5.01 -15.11
CA GLN A 311 -5.57 4.81 -15.26
C GLN A 311 -6.14 3.80 -14.26
N PHE A 312 -6.76 4.25 -13.17
CA PHE A 312 -7.42 3.30 -12.30
C PHE A 312 -8.58 2.62 -13.05
N GLN A 313 -8.84 1.38 -12.69
CA GLN A 313 -10.06 0.70 -13.12
C GLN A 313 -10.51 -0.22 -12.00
N GLN A 314 -11.75 -0.66 -12.07
CA GLN A 314 -12.26 -1.61 -11.08
C GLN A 314 -12.13 -3.05 -11.55
N THR A 315 -12.52 -3.99 -10.70
CA THR A 315 -12.24 -5.41 -10.91
C THR A 315 -13.01 -5.95 -12.10
N GLY A 316 -14.13 -5.32 -12.43
CA GLY A 316 -15.02 -5.85 -13.45
C GLY A 316 -16.12 -6.71 -12.85
N LEU A 317 -16.07 -6.91 -11.54
CA LEU A 317 -17.11 -7.63 -10.83
C LEU A 317 -18.02 -6.69 -10.05
N GLU A 318 -17.72 -5.38 -10.09
CA GLU A 318 -18.39 -4.42 -9.23
C GLU A 318 -19.77 -4.08 -9.78
N SER A 319 -20.66 -3.63 -8.89
CA SER A 319 -21.91 -3.00 -9.32
C SER A 319 -21.87 -1.50 -9.06
N ASN A 320 -20.97 -1.08 -8.16
CA ASN A 320 -20.96 0.27 -7.61
C ASN A 320 -22.30 0.68 -6.98
N ARG A 321 -23.08 -0.29 -6.53
CA ARG A 321 -24.33 -0.04 -5.85
C ARG A 321 -24.24 -0.41 -4.38
N SER A 322 -24.73 0.47 -3.50
CA SER A 322 -24.60 0.25 -2.07
C SER A 322 -25.66 1.04 -1.29
N ASN A 323 -25.77 0.74 0.00
CA ASN A 323 -26.68 1.47 0.89
C ASN A 323 -26.06 2.73 1.46
N PHE A 324 -25.31 3.46 0.65
CA PHE A 324 -24.56 4.62 1.15
C PHE A 324 -25.44 5.79 1.58
N THR A 325 -26.66 5.85 1.07
CA THR A 325 -27.59 6.92 1.47
C THR A 325 -28.33 6.62 2.77
N GLY A 326 -28.05 5.46 3.35
CA GLY A 326 -28.57 5.13 4.67
C GLY A 326 -29.95 4.53 4.66
N THR A 327 -30.35 3.94 3.55
CA THR A 327 -31.66 3.30 3.45
C THR A 327 -31.50 1.82 3.09
N ARG A 328 -32.58 1.06 3.21
CA ARG A 328 -32.58 -0.34 2.83
C ARG A 328 -32.34 -0.51 1.34
N SER A 329 -32.80 0.44 0.55
CA SER A 329 -32.57 0.44 -0.89
C SER A 329 -31.14 0.81 -1.25
N ARG A 330 -30.55 0.03 -2.15
CA ARG A 330 -29.25 0.32 -2.71
C ARG A 330 -29.36 1.36 -3.82
N VAL A 331 -28.35 2.23 -3.89
CA VAL A 331 -28.33 3.33 -4.84
C VAL A 331 -26.99 3.27 -5.56
N HIS A 332 -26.97 3.63 -6.84
CA HIS A 332 -25.71 3.70 -7.57
C HIS A 332 -24.84 4.83 -7.06
N ARG A 333 -23.63 4.46 -6.64
CA ARG A 333 -22.71 5.37 -5.99
C ARG A 333 -22.29 6.51 -6.92
N PHE A 334 -22.26 6.24 -8.22
CA PHE A 334 -21.95 7.26 -9.21
C PHE A 334 -23.06 7.51 -10.24
N GLY A 335 -24.30 7.50 -9.77
CA GLY A 335 -25.43 7.94 -10.56
C GLY A 335 -26.12 6.83 -11.34
N GLU A 336 -27.45 6.76 -11.22
CA GLU A 336 -28.26 5.84 -12.00
C GLU A 336 -28.16 6.07 -13.51
N ALA A 337 -27.93 7.32 -13.91
CA ALA A 337 -27.84 7.67 -15.33
C ALA A 337 -26.41 7.58 -15.83
N PHE A 338 -25.49 8.26 -15.16
CA PHE A 338 -24.09 8.27 -15.58
C PHE A 338 -23.42 6.92 -15.34
N ARG A 339 -23.74 6.29 -14.23
CA ARG A 339 -23.22 4.98 -13.87
C ARG A 339 -21.70 4.92 -13.96
N GLY A 340 -21.04 5.92 -13.41
CA GLY A 340 -19.59 6.03 -13.55
C GLY A 340 -18.89 4.85 -12.92
N GLU A 341 -17.80 4.45 -13.58
CA GLU A 341 -16.80 3.56 -13.00
C GLU A 341 -15.68 4.44 -12.46
N LEU A 342 -15.07 4.02 -11.37
CA LEU A 342 -14.04 4.83 -10.76
C LEU A 342 -12.76 4.70 -11.56
N SER A 343 -12.65 5.56 -12.57
CA SER A 343 -11.62 5.44 -13.60
C SER A 343 -11.42 6.79 -14.27
N ASN A 344 -10.30 7.44 -13.95
CA ASN A 344 -9.99 8.78 -14.45
C ASN A 344 -11.15 9.73 -14.10
N LEU A 345 -11.73 9.52 -12.92
CA LEU A 345 -12.95 10.21 -12.56
C LEU A 345 -12.84 10.78 -11.15
N GLN A 346 -13.26 12.02 -10.99
CA GLN A 346 -13.45 12.59 -9.67
C GLN A 346 -14.92 12.88 -9.51
N ALA A 347 -15.49 12.56 -8.35
CA ALA A 347 -16.89 12.84 -8.12
C ALA A 347 -17.10 13.42 -6.75
N ALA A 348 -17.89 14.50 -6.66
CA ALA A 348 -18.35 14.97 -5.37
C ALA A 348 -19.85 14.78 -5.32
N THR A 349 -20.38 14.35 -4.18
CA THR A 349 -21.79 13.99 -4.09
CA THR A 349 -21.79 14.00 -4.13
C THR A 349 -22.39 14.59 -2.84
N LEU A 350 -23.68 14.89 -2.91
CA LEU A 350 -24.44 15.34 -1.77
CA LEU A 350 -24.44 15.34 -1.76
C LEU A 350 -25.72 14.53 -1.79
N PHE A 351 -26.15 14.07 -0.61
CA PHE A 351 -27.41 13.35 -0.56
C PHE A 351 -28.19 13.60 0.73
N GLY A 352 -29.48 13.36 0.62
CA GLY A 352 -30.40 13.28 1.73
C GLY A 352 -31.24 12.03 1.57
N SER A 353 -31.74 11.48 2.66
CA SER A 353 -32.60 10.32 2.55
C SER A 353 -33.67 10.31 3.63
N TRP A 354 -34.73 9.57 3.34
CA TRP A 354 -35.91 9.48 4.17
C TRP A 354 -36.44 8.05 4.21
N GLN A 355 -36.93 7.63 5.37
CA GLN A 355 -37.61 6.35 5.44
C GLN A 355 -38.69 6.39 6.53
N LEU A 356 -39.70 5.55 6.37
CA LEU A 356 -40.79 5.45 7.31
C LEU A 356 -40.96 3.98 7.65
N ARG A 357 -40.60 3.64 8.89
CA ARG A 357 -40.63 2.28 9.41
C ARG A 357 -40.00 1.32 8.38
N GLU A 358 -40.71 0.23 8.09
CA GLU A 358 -40.22 -0.73 7.10
C GLU A 358 -41.10 -0.66 5.85
N ASP A 359 -41.83 0.44 5.71
CA ASP A 359 -42.84 0.57 4.66
C ASP A 359 -42.38 1.37 3.44
N TYR A 360 -41.54 2.38 3.68
CA TYR A 360 -41.09 3.25 2.61
C TYR A 360 -39.69 3.75 2.89
N ASP A 361 -38.99 4.07 1.80
CA ASP A 361 -37.76 4.85 1.87
C ASP A 361 -37.59 5.68 0.60
N ALA A 362 -36.69 6.66 0.67
CA ALA A 362 -36.42 7.51 -0.46
C ALA A 362 -35.08 8.19 -0.30
N SER A 363 -34.42 8.46 -1.43
CA SER A 363 -33.13 9.09 -1.42
C SER A 363 -33.03 10.08 -2.57
N LEU A 364 -32.38 11.20 -2.32
CA LEU A 364 -32.12 12.19 -3.34
C LEU A 364 -30.62 12.40 -3.36
N VAL A 365 -30.02 12.20 -4.51
CA VAL A 365 -28.57 12.28 -4.65
C VAL A 365 -28.18 13.24 -5.77
N TYR A 366 -27.24 14.12 -5.47
CA TYR A 366 -26.64 15.00 -6.47
C TYR A 366 -25.20 14.56 -6.69
N HIS A 367 -24.77 14.53 -7.94
CA HIS A 367 -23.36 14.30 -8.26
C HIS A 367 -22.81 15.40 -9.16
N LYS A 368 -21.53 15.72 -8.96
CA LYS A 368 -20.77 16.46 -9.94
C LYS A 368 -19.54 15.64 -10.32
N PHE A 369 -19.27 15.53 -11.62
CA PHE A 369 -18.18 14.70 -12.10
C PHE A 369 -17.13 15.53 -12.85
N TRP A 370 -15.85 15.23 -12.62
CA TRP A 370 -14.77 15.82 -13.39
C TRP A 370 -13.85 14.72 -13.88
N ARG A 371 -13.18 14.96 -15.01
CA ARG A 371 -12.11 14.08 -15.45
C ARG A 371 -10.85 14.43 -14.68
N VAL A 372 -9.99 13.44 -14.44
CA VAL A 372 -8.74 13.70 -13.75
C VAL A 372 -7.68 14.14 -14.76
N ASP A 373 -7.57 13.35 -15.82
CA ASP A 373 -6.73 13.66 -16.98
C ASP A 373 -7.62 13.95 -18.18
N ASP A 374 -7.54 15.17 -18.70
CA ASP A 374 -8.48 15.61 -19.74
C ASP A 374 -8.15 15.08 -21.14
N ASP A 375 -7.20 14.16 -21.25
CA ASP A 375 -6.90 13.54 -22.54
C ASP A 375 -7.18 12.03 -22.53
N SER A 376 -7.82 11.53 -21.48
CA SER A 376 -8.15 10.11 -21.37
C SER A 376 -9.66 9.94 -21.23
N ASP A 377 -10.21 8.81 -21.68
CA ASP A 377 -11.63 8.57 -21.46
C ASP A 377 -11.87 8.41 -19.97
N ILE A 378 -13.13 8.50 -19.53
CA ILE A 378 -13.48 8.08 -18.18
C ILE A 378 -14.01 6.65 -18.00
N GLY A 379 -14.48 6.41 -16.79
CA GLY A 379 -15.13 5.19 -16.37
C GLY A 379 -16.63 5.39 -16.56
N THR A 380 -17.27 4.67 -17.49
CA THR A 380 -18.71 4.84 -17.61
C THR A 380 -19.42 3.59 -18.12
N SER A 381 -20.62 3.36 -17.57
CA SER A 381 -21.45 2.25 -17.98
C SER A 381 -22.79 2.79 -18.48
N GLY A 382 -22.94 4.11 -18.41
CA GLY A 382 -24.21 4.74 -18.71
C GLY A 382 -24.24 5.68 -19.90
N ILE A 383 -23.12 6.34 -20.20
CA ILE A 383 -23.06 7.22 -21.36
C ILE A 383 -22.06 6.76 -22.41
N ASN A 384 -22.55 6.60 -23.65
CA ASN A 384 -21.73 6.14 -24.75
C ASN A 384 -21.46 7.26 -25.76
N ALA A 385 -20.53 8.16 -25.45
CA ALA A 385 -20.27 9.32 -26.29
C ALA A 385 -18.86 9.84 -26.05
N ALA A 386 -18.23 10.34 -27.11
CA ALA A 386 -16.83 10.74 -27.03
C ALA A 386 -16.63 12.05 -26.27
N LEU A 387 -15.51 12.15 -25.56
CA LEU A 387 -15.15 13.34 -24.82
C LEU A 387 -14.30 14.30 -25.65
N GLN A 388 -14.42 15.59 -25.40
CA GLN A 388 -13.61 16.58 -26.09
C GLN A 388 -12.28 16.72 -25.36
N PRO A 389 -11.16 16.56 -26.10
CA PRO A 389 -9.81 16.78 -25.57
C PRO A 389 -9.71 18.09 -24.77
N GLY A 390 -9.02 18.04 -23.64
CA GLY A 390 -8.74 19.23 -22.86
C GLY A 390 -9.87 19.75 -22.01
N GLU A 391 -10.97 18.99 -21.95
CA GLU A 391 -12.10 19.40 -21.11
C GLU A 391 -12.33 18.43 -19.95
N LYS A 392 -12.32 18.95 -18.74
CA LYS A 392 -12.48 18.15 -17.53
C LYS A 392 -13.92 18.01 -17.04
N ASP A 393 -14.78 18.93 -17.49
CA ASP A 393 -16.14 19.04 -16.96
C ASP A 393 -17.10 18.00 -17.55
N ILE A 394 -17.22 16.86 -16.87
CA ILE A 394 -18.05 15.75 -17.34
C ILE A 394 -19.54 16.08 -17.23
N GLY A 395 -19.97 16.54 -16.07
CA GLY A 395 -21.33 17.02 -15.90
C GLY A 395 -21.89 16.84 -14.51
N GLN A 396 -23.20 16.95 -14.38
CA GLN A 396 -23.87 16.85 -13.09
C GLN A 396 -25.04 15.90 -13.24
N GLU A 397 -25.48 15.32 -12.12
CA GLU A 397 -26.58 14.39 -12.15
C GLU A 397 -27.41 14.53 -10.87
N LEU A 398 -28.72 14.35 -11.00
CA LEU A 398 -29.60 14.26 -9.85
C LEU A 398 -30.39 12.96 -9.92
N ASP A 399 -30.40 12.22 -8.82
CA ASP A 399 -31.05 10.92 -8.77
C ASP A 399 -32.09 10.88 -7.68
N LEU A 400 -33.11 10.06 -7.91
CA LEU A 400 -34.15 9.83 -6.93
C LEU A 400 -34.50 8.36 -6.91
N VAL A 401 -34.54 7.78 -5.71
CA VAL A 401 -34.96 6.41 -5.54
C VAL A 401 -36.09 6.46 -4.53
N VAL A 402 -37.19 5.78 -4.82
CA VAL A 402 -38.33 5.70 -3.92
C VAL A 402 -38.91 4.31 -3.93
N THR A 403 -39.17 3.75 -2.75
CA THR A 403 -39.56 2.36 -2.63
C THR A 403 -40.72 2.24 -1.64
N LYS A 404 -41.68 1.40 -1.99
CA LYS A 404 -42.68 0.95 -1.03
C LYS A 404 -42.50 -0.56 -0.86
N TYR A 405 -42.41 -0.99 0.39
CA TYR A 405 -42.34 -2.41 0.71
C TYR A 405 -43.68 -2.99 1.16
N PHE A 406 -44.13 -4.03 0.47
CA PHE A 406 -45.44 -4.61 0.75
C PHE A 406 -45.31 -5.61 1.89
N LYS A 407 -46.42 -5.94 2.52
CA LYS A 407 -46.42 -6.85 3.67
C LYS A 407 -46.00 -8.27 3.28
N GLN A 408 -46.30 -8.65 2.03
CA GLN A 408 -46.01 -9.99 1.55
C GLN A 408 -44.76 -10.00 0.66
N PRO A 422 -35.81 -9.64 -0.84
CA PRO A 422 -36.29 -10.39 0.33
C PRO A 422 -37.73 -10.01 0.71
N SER A 423 -38.25 -8.94 0.10
CA SER A 423 -39.61 -8.48 0.39
C SER A 423 -40.27 -7.93 -0.86
N ALA A 424 -41.60 -8.05 -0.99
CA ALA A 424 -42.20 -7.55 -2.21
C ALA A 424 -41.92 -6.06 -2.21
N LEU A 425 -41.82 -5.45 -3.39
CA LEU A 425 -41.73 -4.00 -3.45
C LEU A 425 -42.15 -3.36 -4.76
N ILE A 426 -42.33 -2.06 -4.70
CA ILE A 426 -42.51 -1.25 -5.90
C ILE A 426 -41.56 -0.07 -5.72
N ARG A 427 -40.67 0.10 -6.70
CA ARG A 427 -39.59 1.07 -6.60
C ARG A 427 -39.42 1.87 -7.88
N PHE A 428 -39.28 3.19 -7.72
CA PHE A 428 -38.80 4.05 -8.80
C PHE A 428 -37.32 4.34 -8.61
N ARG A 429 -36.55 4.19 -9.68
CA ARG A 429 -35.13 4.55 -9.66
C ARG A 429 -34.90 5.37 -10.90
N GLY A 430 -34.51 6.62 -10.70
CA GLY A 430 -34.30 7.53 -11.82
C GLY A 430 -33.09 8.41 -11.66
N GLY A 431 -32.47 8.77 -12.78
CA GLY A 431 -31.33 9.67 -12.77
C GLY A 431 -31.46 10.66 -13.91
N LEU A 432 -31.16 11.92 -13.62
CA LEU A 432 -31.19 12.95 -14.63
C LEU A 432 -29.77 13.48 -14.78
N PHE A 433 -29.18 13.32 -15.95
CA PHE A 433 -27.80 13.72 -16.16
C PHE A 433 -27.68 14.92 -17.09
N LYS A 434 -26.93 15.92 -16.65
CA LYS A 434 -26.67 17.11 -17.47
C LYS A 434 -25.20 17.14 -17.87
N PRO A 435 -24.91 16.79 -19.13
CA PRO A 435 -23.55 16.71 -19.66
C PRO A 435 -22.84 18.05 -19.56
N GLY A 436 -21.56 18.02 -19.19
CA GLY A 436 -20.77 19.24 -19.13
C GLY A 436 -19.98 19.49 -20.40
N ASP A 437 -19.07 20.45 -20.35
CA ASP A 437 -18.29 20.86 -21.52
C ASP A 437 -17.47 19.73 -22.15
N ALA A 438 -17.24 18.65 -21.43
CA ALA A 438 -16.42 17.57 -21.96
C ALA A 438 -17.10 16.80 -23.10
N TYR A 439 -18.41 16.94 -23.21
CA TYR A 439 -19.16 16.25 -24.27
C TYR A 439 -19.37 17.09 -25.52
N GLY A 440 -19.50 18.41 -25.35
CA GLY A 440 -19.36 19.32 -26.46
C GLY A 440 -20.50 19.30 -27.46
N PRO A 441 -20.34 20.07 -28.55
CA PRO A 441 -21.37 20.52 -29.51
C PRO A 441 -22.18 19.40 -30.15
N GLY A 442 -23.49 19.63 -30.25
CA GLY A 442 -24.40 18.66 -30.84
C GLY A 442 -24.82 17.52 -29.93
N THR A 443 -24.45 17.61 -28.67
CA THR A 443 -24.93 16.64 -27.68
C THR A 443 -26.15 17.19 -26.95
N ASP A 444 -27.03 16.29 -26.51
CA ASP A 444 -28.20 16.69 -25.74
C ASP A 444 -27.79 17.39 -24.46
N SER A 445 -28.64 18.31 -24.00
CA SER A 445 -28.36 19.03 -22.77
C SER A 445 -28.79 18.20 -21.57
N THR A 446 -29.57 17.16 -21.84
CA THR A 446 -30.10 16.33 -20.77
C THR A 446 -30.28 14.90 -21.26
N MET A 447 -30.11 13.94 -20.36
CA MET A 447 -30.31 12.54 -20.65
C MET A 447 -30.86 11.96 -19.36
N HIS A 448 -31.70 10.94 -19.47
CA HIS A 448 -32.19 10.29 -18.27
C HIS A 448 -32.21 8.77 -18.43
N ARG A 449 -32.20 8.09 -17.29
CA ARG A 449 -32.50 6.68 -17.23
C ARG A 449 -33.34 6.48 -15.99
N ALA A 450 -34.52 5.87 -16.17
CA ALA A 450 -35.41 5.66 -15.04
C ALA A 450 -36.06 4.29 -15.12
N PHE A 451 -36.35 3.75 -13.95
CA PHE A 451 -36.95 2.43 -13.84
C PHE A 451 -38.11 2.49 -12.88
N VAL A 452 -39.14 1.69 -13.15
CA VAL A 452 -40.06 1.31 -12.10
C VAL A 452 -39.95 -0.20 -12.00
N ASP A 453 -39.79 -0.72 -10.79
CA ASP A 453 -39.76 -2.16 -10.60
C ASP A 453 -40.85 -2.56 -9.63
N PHE A 454 -41.65 -3.54 -10.01
CA PHE A 454 -42.62 -4.12 -9.10
C PHE A 454 -42.22 -5.57 -8.85
N ILE A 455 -42.04 -5.94 -7.59
CA ILE A 455 -41.53 -7.27 -7.31
C ILE A 455 -42.44 -7.94 -6.30
N TRP A 456 -42.87 -9.16 -6.62
CA TRP A 456 -43.71 -9.95 -5.74
C TRP A 456 -43.10 -11.32 -5.50
N ARG A 457 -43.11 -11.77 -4.25
CA ARG A 457 -42.57 -13.09 -3.94
C ARG A 457 -43.69 -14.04 -3.54
N PHE A 458 -43.69 -15.21 -4.18
CA PHE A 458 -44.60 -16.29 -3.79
C PHE A 458 -43.80 -17.39 -3.10
N ALA B 6 1.53 -18.40 25.06
CA ALA B 6 0.75 -18.81 23.89
C ALA B 6 1.13 -17.96 22.67
N PRO B 7 2.28 -18.27 22.05
CA PRO B 7 2.95 -17.64 20.91
C PRO B 7 2.04 -17.46 19.69
N LYS B 8 1.81 -16.23 19.25
CA LYS B 8 0.82 -15.95 18.22
C LYS B 8 1.54 -16.42 16.95
N ASN B 9 0.87 -17.30 16.20
CA ASN B 9 1.51 -18.03 15.12
C ASN B 9 1.44 -17.36 13.76
N PHE B 10 0.57 -16.35 13.64
CA PHE B 10 0.45 -15.61 12.40
C PHE B 10 -0.18 -14.26 12.66
N GLY B 11 0.09 -13.34 11.74
CA GLY B 11 -0.46 -12.02 11.77
C GLY B 11 -0.31 -11.39 10.40
N LEU B 12 -0.69 -10.13 10.32
CA LEU B 12 -0.58 -9.38 9.09
C LEU B 12 -0.29 -7.98 9.60
N ASP B 13 0.83 -7.41 9.17
CA ASP B 13 1.09 -6.02 9.46
C ASP B 13 0.71 -5.17 8.26
N VAL B 14 -0.08 -4.14 8.52
CA VAL B 14 -0.55 -3.27 7.48
C VAL B 14 -0.06 -1.86 7.74
N LYS B 15 0.62 -1.28 6.76
CA LYS B 15 1.14 0.06 6.94
C LYS B 15 0.67 0.90 5.76
N ILE B 16 0.14 2.08 6.05
CA ILE B 16 -0.11 3.07 5.02
C ILE B 16 0.85 4.23 5.22
N THR B 17 1.60 4.59 4.18
CA THR B 17 2.58 5.65 4.32
C THR B 17 2.31 6.71 3.27
N GLY B 18 2.37 7.97 3.67
CA GLY B 18 2.48 9.04 2.71
C GLY B 18 3.84 9.68 2.86
N GLU B 19 4.45 10.06 1.74
CA GLU B 19 5.73 10.74 1.79
C GLU B 19 5.70 12.02 0.97
N SER B 20 6.18 13.10 1.57
CA SER B 20 6.41 14.33 0.82
C SER B 20 7.89 14.67 0.88
N GLU B 21 8.51 14.76 -0.29
CA GLU B 21 9.93 15.09 -0.39
C GLU B 21 10.12 16.14 -1.47
N ASN B 22 10.86 17.20 -1.15
CA ASN B 22 11.03 18.34 -2.04
C ASN B 22 12.10 19.27 -1.48
N ASP B 23 13.26 19.35 -2.12
CA ASP B 23 13.62 18.60 -3.32
C ASP B 23 14.98 18.00 -3.03
N ARG B 24 15.08 16.68 -3.17
CA ARG B 24 16.28 15.95 -2.78
C ARG B 24 17.55 16.50 -3.43
N ASP B 25 17.42 17.01 -4.65
CA ASP B 25 18.56 17.58 -5.36
C ASP B 25 18.65 19.11 -5.33
N LEU B 26 17.85 19.72 -4.47
CA LEU B 26 17.86 21.16 -4.19
C LEU B 26 17.55 21.94 -5.46
N GLY B 27 16.84 21.28 -6.38
CA GLY B 27 16.40 21.86 -7.62
C GLY B 27 17.41 21.79 -8.75
N THR B 28 18.55 21.13 -8.51
CA THR B 28 19.60 21.12 -9.53
C THR B 28 19.40 20.13 -10.67
N ALA B 29 18.78 18.99 -10.35
CA ALA B 29 18.53 17.98 -11.37
C ALA B 29 17.03 17.74 -11.53
N PRO B 30 16.62 17.00 -12.57
CA PRO B 30 15.17 16.82 -12.76
C PRO B 30 14.64 15.82 -11.74
N GLY B 31 13.35 15.92 -11.42
CA GLY B 31 12.75 15.03 -10.44
C GLY B 31 13.45 15.15 -9.10
N GLY B 32 13.51 14.05 -8.37
CA GLY B 32 14.10 14.05 -7.05
C GLY B 32 13.11 14.54 -6.01
N THR B 33 11.83 14.66 -6.36
CA THR B 33 10.86 14.92 -5.32
C THR B 33 9.79 13.85 -5.24
N LEU B 34 9.03 13.91 -4.14
CA LEU B 34 7.97 12.96 -3.85
C LEU B 34 6.70 13.61 -3.31
N ASN B 35 5.54 13.13 -3.74
CA ASN B 35 4.29 13.52 -3.10
C ASN B 35 3.31 12.39 -3.33
N ASP B 36 3.41 11.38 -2.48
CA ASP B 36 2.85 10.08 -2.79
C ASP B 36 2.43 9.26 -1.57
N ILE B 37 1.69 8.18 -1.83
CA ILE B 37 1.07 7.38 -0.78
C ILE B 37 1.22 5.91 -1.19
N GLY B 38 1.29 5.01 -0.22
CA GLY B 38 1.42 3.60 -0.54
C GLY B 38 0.91 2.68 0.55
N ILE B 39 0.76 1.40 0.20
CA ILE B 39 0.38 0.37 1.16
C ILE B 39 1.44 -0.71 1.27
N ASP B 40 1.62 -1.24 2.47
CA ASP B 40 2.68 -2.21 2.71
C ASP B 40 2.04 -3.31 3.55
N LEU B 41 1.97 -4.52 3.01
CA LEU B 41 1.35 -5.63 3.71
C LEU B 41 2.42 -6.65 4.07
N ARG B 42 2.48 -7.01 5.34
CA ARG B 42 3.51 -7.92 5.81
C ARG B 42 2.88 -9.10 6.54
N PRO B 43 2.54 -10.16 5.79
CA PRO B 43 2.13 -11.38 6.48
C PRO B 43 3.33 -11.99 7.18
N TRP B 44 3.11 -12.53 8.38
CA TRP B 44 4.15 -13.24 9.09
C TRP B 44 3.70 -14.53 9.77
N ALA B 45 4.67 -15.39 10.04
CA ALA B 45 4.41 -16.70 10.61
C ALA B 45 5.49 -16.90 11.65
N PHE B 46 5.11 -17.49 12.79
CA PHE B 46 6.08 -17.74 13.84
C PHE B 46 5.71 -19.06 14.49
N GLY B 47 6.71 -19.87 14.77
CA GLY B 47 6.56 -21.09 15.52
C GLY B 47 7.59 -21.25 16.62
N GLN B 48 7.22 -21.93 17.69
CA GLN B 48 8.13 -22.14 18.80
C GLN B 48 7.94 -23.56 19.35
N TRP B 49 9.06 -24.24 19.51
CA TRP B 49 9.13 -25.60 20.02
C TRP B 49 10.35 -25.72 20.92
N GLY B 50 10.09 -25.71 22.22
CA GLY B 50 11.13 -25.65 23.23
C GLY B 50 12.08 -24.50 22.99
N ASP B 51 13.37 -24.79 22.88
CA ASP B 51 14.37 -23.75 22.73
C ASP B 51 14.46 -23.26 21.29
N TRP B 52 13.76 -23.93 20.39
CA TRP B 52 13.78 -23.53 19.00
C TRP B 52 12.57 -22.70 18.62
N SER B 53 12.80 -21.82 17.67
CA SER B 53 11.76 -21.06 17.02
C SER B 53 12.17 -20.70 15.60
N ALA B 54 11.19 -20.26 14.83
CA ALA B 54 11.42 -19.91 13.44
C ALA B 54 10.42 -18.85 13.05
N TYR B 55 10.81 -18.00 12.11
CA TYR B 55 9.98 -16.89 11.74
C TYR B 55 10.15 -16.57 10.27
N PHE B 56 9.05 -16.17 9.64
CA PHE B 56 9.08 -15.69 8.29
C PHE B 56 8.20 -14.45 8.26
N MET B 57 8.69 -13.41 7.61
CA MET B 57 7.83 -12.30 7.23
C MET B 57 8.06 -11.95 5.78
N GLY B 58 6.96 -11.83 5.05
CA GLY B 58 7.04 -11.42 3.66
C GLY B 58 6.53 -10.01 3.58
N GLN B 59 6.42 -9.49 2.37
CA GLN B 59 6.06 -8.09 2.20
C GLN B 59 5.50 -7.87 0.82
N ALA B 60 4.38 -7.17 0.76
CA ALA B 60 3.85 -6.75 -0.53
C ALA B 60 3.58 -5.26 -0.43
N VAL B 61 4.04 -4.54 -1.44
CA VAL B 61 3.98 -3.09 -1.43
C VAL B 61 3.38 -2.63 -2.75
N ALA B 62 2.49 -1.66 -2.66
CA ALA B 62 2.00 -0.95 -3.82
C ALA B 62 1.94 0.51 -3.49
N ALA B 63 2.56 1.34 -4.32
CA ALA B 63 2.60 2.77 -4.04
C ALA B 63 2.46 3.58 -5.32
N THR B 64 2.12 4.85 -5.17
CA THR B 64 1.95 5.75 -6.30
C THR B 64 3.29 6.21 -6.89
N ASP B 65 4.36 6.02 -6.12
CA ASP B 65 5.72 6.25 -6.60
C ASP B 65 6.67 5.52 -5.69
N THR B 66 7.97 5.63 -5.94
CA THR B 66 8.93 4.82 -5.21
C THR B 66 9.26 5.46 -3.87
N ILE B 67 8.33 5.33 -2.93
CA ILE B 67 8.46 5.98 -1.64
C ILE B 67 9.13 5.07 -0.63
N GLU B 68 9.52 5.65 0.51
CA GLU B 68 10.12 4.88 1.58
C GLU B 68 9.03 4.40 2.54
N THR B 69 8.73 3.10 2.49
CA THR B 69 7.77 2.50 3.43
C THR B 69 8.51 1.75 4.54
N ASP B 70 9.83 1.71 4.42
CA ASP B 70 10.66 0.97 5.36
C ASP B 70 11.87 1.83 5.73
N THR B 71 11.92 2.25 6.98
CA THR B 71 13.02 3.05 7.51
C THR B 71 14.37 2.36 7.36
N LEU B 72 14.33 1.04 7.21
CA LEU B 72 15.54 0.24 7.08
C LEU B 72 15.87 0.03 5.60
N GLN B 73 15.16 0.77 4.75
CA GLN B 73 15.26 0.64 3.29
C GLN B 73 14.96 -0.79 2.85
N ASP B 85 21.01 0.12 -13.78
CA ASP B 85 20.04 -0.89 -14.19
C ASP B 85 20.16 -2.14 -13.33
N GLY B 86 19.04 -2.82 -13.10
CA GLY B 86 19.03 -3.94 -12.17
C GLY B 86 18.80 -3.51 -10.73
N ARG B 87 19.04 -2.24 -10.45
CA ARG B 87 18.76 -1.69 -9.12
C ARG B 87 17.77 -0.53 -9.13
N GLU B 88 16.87 -0.53 -10.10
CA GLU B 88 15.82 0.47 -10.16
C GLU B 88 14.57 -0.16 -9.56
N PRO B 89 14.10 0.37 -8.43
CA PRO B 89 12.90 -0.19 -7.80
C PRO B 89 11.64 0.14 -8.58
N ASP B 90 10.62 -0.71 -8.41
CA ASP B 90 9.32 -0.48 -9.00
C ASP B 90 8.39 0.09 -7.94
N LYS B 91 7.29 0.71 -8.40
CA LYS B 91 6.27 1.24 -7.51
C LYS B 91 5.61 0.13 -6.70
N SER B 92 5.59 -1.09 -7.23
CA SER B 92 5.03 -2.22 -6.50
C SER B 92 5.93 -3.44 -6.62
N TYR B 93 5.99 -4.22 -5.54
CA TYR B 93 6.87 -5.39 -5.48
C TYR B 93 6.48 -6.34 -4.35
N LEU B 94 7.07 -7.52 -4.37
CA LEU B 94 6.94 -8.44 -3.23
C LEU B 94 8.34 -8.62 -2.67
N ALA B 95 8.42 -8.93 -1.38
CA ALA B 95 9.71 -9.18 -0.76
C ALA B 95 9.65 -10.15 0.40
N ALA B 96 10.79 -10.77 0.70
CA ALA B 96 10.92 -11.54 1.92
C ALA B 96 11.77 -10.69 2.85
N ARG B 97 11.18 -10.27 3.96
CA ARG B 97 11.86 -9.37 4.88
C ARG B 97 12.74 -10.15 5.84
N GLU B 98 12.14 -11.12 6.50
CA GLU B 98 12.87 -11.91 7.47
C GLU B 98 12.53 -13.38 7.31
N PHE B 99 13.54 -14.21 7.51
CA PHE B 99 13.37 -15.65 7.56
C PHE B 99 14.53 -16.23 8.36
N TRP B 100 14.21 -16.76 9.53
CA TRP B 100 15.27 -17.29 10.38
C TRP B 100 14.83 -18.43 11.29
N VAL B 101 15.82 -19.17 11.79
CA VAL B 101 15.58 -20.12 12.86
C VAL B 101 16.44 -19.69 14.04
N ASP B 102 15.97 -19.98 15.24
CA ASP B 102 16.62 -19.48 16.44
C ASP B 102 16.72 -20.58 17.48
N TYR B 103 17.86 -20.68 18.15
CA TYR B 103 18.00 -21.67 19.20
C TYR B 103 18.48 -20.94 20.45
N ALA B 104 17.72 -21.06 21.54
CA ALA B 104 18.03 -20.36 22.78
C ALA B 104 18.56 -21.29 23.87
N GLY B 105 18.89 -22.53 23.50
CA GLY B 105 19.24 -23.53 24.47
C GLY B 105 20.71 -23.72 24.83
N LEU B 106 21.60 -22.92 24.23
CA LEU B 106 23.03 -23.03 24.56
C LEU B 106 23.24 -22.78 26.05
N THR B 107 22.51 -21.81 26.59
CA THR B 107 22.56 -21.54 28.02
C THR B 107 21.14 -21.34 28.51
N ALA B 108 20.96 -21.41 29.82
CA ALA B 108 19.66 -21.17 30.45
C ALA B 108 19.28 -19.69 30.49
N TYR B 109 20.20 -18.82 30.11
CA TYR B 109 19.94 -17.39 30.11
C TYR B 109 18.92 -17.03 29.03
N PRO B 110 17.79 -16.44 29.45
CA PRO B 110 16.73 -16.09 28.50
C PRO B 110 17.12 -15.02 27.49
N GLY B 111 18.03 -14.11 27.86
CA GLY B 111 18.54 -13.14 26.91
C GLY B 111 19.64 -13.70 26.01
N GLU B 112 19.84 -15.00 26.06
CA GLU B 112 20.85 -15.64 25.23
C GLU B 112 20.24 -16.55 24.18
N HIS B 113 20.56 -16.31 22.91
CA HIS B 113 20.02 -17.13 21.85
C HIS B 113 20.85 -16.94 20.59
N LEU B 114 20.75 -17.90 19.67
CA LEU B 114 21.52 -17.86 18.44
C LEU B 114 20.54 -17.84 17.28
N ARG B 115 20.68 -16.87 16.38
CA ARG B 115 19.72 -16.71 15.29
C ARG B 115 20.40 -16.82 13.93
N PHE B 116 19.81 -17.64 13.06
CA PHE B 116 20.35 -17.91 11.73
C PHE B 116 19.33 -17.63 10.64
N GLY B 117 19.66 -16.71 9.74
CA GLY B 117 18.79 -16.38 8.62
C GLY B 117 18.78 -14.89 8.39
N ARG B 118 17.88 -14.41 7.52
CA ARG B 118 17.78 -12.98 7.30
C ARG B 118 17.02 -12.42 8.49
N GLN B 119 17.67 -11.52 9.20
CA GLN B 119 17.17 -11.10 10.51
C GLN B 119 17.48 -9.63 10.76
N ARG B 120 16.79 -9.08 11.74
CA ARG B 120 17.04 -7.72 12.19
C ARG B 120 18.29 -7.67 13.05
N LEU B 121 19.30 -6.93 12.61
CA LEU B 121 20.48 -6.68 13.43
C LEU B 121 20.30 -5.25 13.89
N ARG B 122 20.32 -5.04 15.20
CA ARG B 122 20.24 -3.68 15.73
C ARG B 122 21.04 -3.50 17.02
N GLU B 123 21.74 -2.38 17.12
CA GLU B 123 22.17 -1.88 18.42
C GLU B 123 21.54 -0.53 18.69
N ASP B 124 21.47 -0.14 19.96
CA ASP B 124 20.62 0.97 20.39
C ASP B 124 20.90 2.31 19.70
N SER B 125 22.15 2.57 19.36
CA SER B 125 22.49 3.85 18.73
C SER B 125 22.06 3.89 17.27
N GLY B 126 21.93 2.72 16.65
CA GLY B 126 21.65 2.65 15.23
C GLY B 126 22.82 3.02 14.33
N GLN B 127 23.97 3.30 14.91
CA GLN B 127 25.09 3.84 14.15
C GLN B 127 26.07 2.78 13.64
N TRP B 128 25.86 1.53 14.05
CA TRP B 128 26.71 0.43 13.65
C TRP B 128 25.89 -0.58 12.86
N GLN B 129 24.74 -0.94 13.41
CA GLN B 129 23.84 -1.86 12.72
C GLN B 129 22.37 -1.62 13.07
N ASP B 130 21.56 -1.51 12.01
CA ASP B 130 20.12 -1.42 12.14
C ASP B 130 19.51 -1.73 10.78
N THR B 131 19.41 -3.01 10.48
CA THR B 131 19.02 -3.45 9.15
C THR B 131 18.57 -4.91 9.16
N ASN B 132 17.88 -5.32 8.09
CA ASN B 132 17.58 -6.73 7.88
C ASN B 132 18.62 -7.29 6.92
N ILE B 133 19.32 -8.33 7.36
CA ILE B 133 20.38 -8.93 6.57
C ILE B 133 20.56 -10.41 6.90
N GLU B 134 20.95 -11.21 5.91
CA GLU B 134 21.31 -12.60 6.15
C GLU B 134 22.48 -12.63 7.12
N ALA B 135 22.30 -13.32 8.24
CA ALA B 135 23.32 -13.31 9.27
C ALA B 135 23.25 -14.54 10.15
N LEU B 136 24.35 -14.78 10.86
CA LEU B 136 24.36 -15.67 12.00
C LEU B 136 24.76 -14.80 13.17
N ASN B 137 23.87 -14.67 14.15
CA ASN B 137 24.09 -13.72 15.23
C ASN B 137 23.80 -14.36 16.57
N TRP B 138 24.82 -14.33 17.42
CA TRP B 138 24.74 -14.81 18.78
C TRP B 138 24.50 -13.64 19.72
N SER B 139 23.50 -13.75 20.57
CA SER B 139 23.22 -12.69 21.53
C SER B 139 23.44 -13.25 22.93
N PHE B 140 24.07 -12.44 23.78
CA PHE B 140 24.24 -12.81 25.18
C PHE B 140 23.92 -11.65 26.10
N GLU B 141 22.71 -11.70 26.68
CA GLU B 141 22.23 -10.60 27.51
C GLU B 141 21.88 -11.14 28.89
N THR B 142 22.66 -10.73 29.88
CA THR B 142 22.44 -11.10 31.26
C THR B 142 22.44 -9.84 32.11
N THR B 143 22.20 -10.00 33.41
CA THR B 143 22.08 -8.87 34.31
C THR B 143 23.39 -8.07 34.39
N LEU B 144 24.50 -8.78 34.53
CA LEU B 144 25.81 -8.17 34.71
C LEU B 144 26.58 -7.93 33.42
N LEU B 145 26.24 -8.69 32.38
CA LEU B 145 26.99 -8.68 31.13
C LEU B 145 26.13 -8.74 29.86
N ASN B 146 26.34 -7.80 28.94
CA ASN B 146 25.73 -7.98 27.63
C ASN B 146 26.86 -8.26 26.67
N ALA B 147 26.60 -9.14 25.70
CA ALA B 147 27.55 -9.44 24.64
C ALA B 147 26.87 -9.91 23.36
N HIS B 148 27.47 -9.61 22.22
CA HIS B 148 26.97 -10.13 20.96
C HIS B 148 28.15 -10.43 20.05
N ALA B 149 27.95 -11.35 19.11
CA ALA B 149 28.95 -11.69 18.11
C ALA B 149 28.22 -12.25 16.90
N GLY B 150 28.64 -11.87 15.71
CA GLY B 150 27.98 -12.34 14.51
C GLY B 150 28.73 -12.13 13.21
N VAL B 151 28.19 -12.73 12.16
CA VAL B 151 28.71 -12.54 10.81
C VAL B 151 27.51 -12.31 9.90
N ALA B 152 27.70 -11.48 8.87
CA ALA B 152 26.60 -11.17 7.97
C ALA B 152 27.10 -10.85 6.57
N GLN B 153 26.27 -11.15 5.58
CA GLN B 153 26.54 -10.81 4.19
C GLN B 153 25.22 -10.76 3.42
N ARG B 154 25.10 -9.81 2.49
CA ARG B 154 23.95 -9.79 1.61
C ARG B 154 24.18 -10.72 0.42
N PHE B 155 23.19 -11.54 0.09
CA PHE B 155 23.26 -12.39 -1.08
C PHE B 155 22.20 -12.02 -2.11
N SER B 156 21.16 -11.33 -1.65
CA SER B 156 20.08 -10.88 -2.52
C SER B 156 19.28 -9.80 -1.79
N GLU B 157 18.48 -9.06 -2.55
CA GLU B 157 17.50 -8.16 -1.95
C GLU B 157 16.21 -8.89 -1.62
N TYR B 158 16.06 -10.11 -2.15
CA TYR B 158 14.83 -10.87 -2.02
C TYR B 158 13.60 -10.03 -2.37
N ARG B 159 13.72 -9.31 -3.48
CA ARG B 159 12.66 -8.42 -3.95
C ARG B 159 12.38 -8.70 -5.41
N THR B 160 11.10 -8.62 -5.78
CA THR B 160 10.68 -8.88 -7.15
C THR B 160 11.13 -7.80 -8.14
N ASP B 161 11.42 -6.61 -7.65
CA ASP B 161 11.77 -5.50 -8.53
C ASP B 161 13.28 -5.28 -8.66
N LEU B 162 14.05 -5.85 -7.72
CA LEU B 162 15.49 -5.65 -7.75
C LEU B 162 16.17 -6.97 -8.07
N ASP B 163 16.90 -7.00 -9.18
CA ASP B 163 17.47 -8.25 -9.66
C ASP B 163 18.89 -8.42 -9.14
N GLU B 164 19.50 -7.31 -8.71
CA GLU B 164 20.90 -7.32 -8.33
C GLU B 164 21.12 -6.61 -6.99
N LEU B 165 22.20 -7.00 -6.32
CA LEU B 165 22.70 -6.30 -5.15
C LEU B 165 23.42 -5.02 -5.55
N ALA B 166 23.41 -4.02 -4.68
CA ALA B 166 24.31 -2.88 -4.85
C ALA B 166 25.73 -3.39 -4.90
N PRO B 167 26.56 -2.82 -5.78
CA PRO B 167 27.97 -3.23 -5.88
C PRO B 167 28.73 -3.17 -4.56
N GLU B 168 28.45 -2.16 -3.75
CA GLU B 168 29.09 -2.04 -2.44
C GLU B 168 28.80 -3.23 -1.53
N ASP B 169 27.62 -3.82 -1.69
CA ASP B 169 27.17 -4.92 -0.85
C ASP B 169 27.63 -6.28 -1.38
N LYS B 170 27.89 -6.33 -2.68
CA LYS B 170 28.22 -7.58 -3.36
C LYS B 170 29.54 -8.14 -2.85
N ASP B 171 29.52 -9.40 -2.42
CA ASP B 171 30.73 -10.09 -1.93
C ASP B 171 31.39 -9.38 -0.76
N ARG B 172 30.63 -8.55 -0.04
CA ARG B 172 31.13 -7.90 1.16
C ARG B 172 30.69 -8.66 2.41
N THR B 173 31.67 -9.11 3.20
CA THR B 173 31.37 -9.84 4.43
C THR B 173 31.61 -9.00 5.67
N HIS B 174 30.67 -9.10 6.62
CA HIS B 174 30.77 -8.37 7.88
C HIS B 174 30.99 -9.32 9.05
N VAL B 175 31.92 -8.96 9.93
N VAL B 175 31.90 -8.97 9.94
CA VAL B 175 32.14 -9.69 11.18
CA VAL B 175 32.05 -9.71 11.18
C VAL B 175 32.11 -8.68 12.31
C VAL B 175 32.17 -8.72 12.34
N PHE B 176 31.45 -9.00 13.42
CA PHE B 176 31.28 -8.02 14.47
C PHE B 176 30.98 -8.64 15.82
N GLY B 177 31.20 -7.85 16.86
CA GLY B 177 30.98 -8.29 18.22
C GLY B 177 30.97 -7.11 19.17
N ASP B 178 30.44 -7.32 20.36
CA ASP B 178 30.49 -6.28 21.38
C ASP B 178 30.36 -6.93 22.75
N ILE B 179 30.80 -6.22 23.78
CA ILE B 179 30.65 -6.66 25.15
C ILE B 179 30.52 -5.42 26.03
N SER B 180 29.71 -5.48 27.08
CA SER B 180 29.56 -4.32 27.94
C SER B 180 29.05 -4.75 29.30
N THR B 181 29.31 -3.89 30.28
CA THR B 181 28.93 -4.12 31.66
C THR B 181 28.37 -2.88 32.34
N GLN B 182 27.48 -3.10 33.29
CA GLN B 182 26.97 -2.02 34.12
C GLN B 182 27.91 -1.90 35.31
N TRP B 183 28.75 -0.86 35.29
CA TRP B 183 29.78 -0.69 36.30
C TRP B 183 29.23 0.03 37.52
N ALA B 184 28.14 0.74 37.31
CA ALA B 184 27.36 1.28 38.40
C ALA B 184 25.89 1.16 37.97
N PRO B 185 24.94 1.29 38.91
CA PRO B 185 23.53 1.16 38.51
C PRO B 185 23.15 2.18 37.45
N HIS B 186 22.66 1.70 36.30
CA HIS B 186 22.18 2.54 35.20
C HIS B 186 23.31 3.16 34.37
N HIS B 187 24.54 2.81 34.68
CA HIS B 187 25.69 3.32 33.93
C HIS B 187 26.43 2.17 33.28
N ARG B 188 26.53 2.21 31.95
CA ARG B 188 27.09 1.09 31.22
C ARG B 188 28.34 1.53 30.46
N ILE B 189 29.33 0.64 30.39
CA ILE B 189 30.53 0.88 29.61
C ILE B 189 30.83 -0.34 28.76
N GLY B 190 31.24 -0.14 27.51
CA GLY B 190 31.46 -1.26 26.63
C GLY B 190 32.38 -0.97 25.47
N VAL B 191 32.79 -2.03 24.79
CA VAL B 191 33.58 -1.91 23.57
C VAL B 191 32.87 -2.65 22.46
N ARG B 192 33.18 -2.28 21.23
CA ARG B 192 32.46 -2.80 20.07
C ARG B 192 33.43 -2.88 18.91
N ILE B 193 33.34 -3.96 18.15
CA ILE B 193 34.18 -4.11 16.96
C ILE B 193 33.36 -4.53 15.75
N HIS B 194 33.77 -4.06 14.57
CA HIS B 194 33.13 -4.47 13.34
C HIS B 194 34.20 -4.55 12.25
N HIS B 195 34.12 -5.57 11.40
CA HIS B 195 35.05 -5.65 10.28
C HIS B 195 34.29 -5.96 9.00
N ALA B 196 34.58 -5.19 7.94
CA ALA B 196 33.95 -5.43 6.65
C ALA B 196 35.02 -5.73 5.61
N ASP B 197 34.88 -6.85 4.91
CA ASP B 197 35.86 -7.20 3.89
C ASP B 197 35.17 -7.42 2.54
N ASP B 198 35.62 -6.70 1.52
CA ASP B 198 35.16 -6.95 0.16
C ASP B 198 36.34 -6.88 -0.82
N SER B 199 37.54 -6.97 -0.26
CA SER B 199 38.77 -6.80 -1.03
C SER B 199 39.00 -7.92 -2.03
N GLY B 200 39.59 -7.57 -3.17
CA GLY B 200 39.93 -8.53 -4.20
C GLY B 200 38.85 -8.75 -5.23
N HIS B 201 37.79 -7.96 -5.17
CA HIS B 201 36.67 -8.13 -6.10
C HIS B 201 36.59 -7.02 -7.15
N LEU B 202 37.61 -6.17 -7.18
CA LEU B 202 37.69 -5.14 -8.22
C LEU B 202 37.97 -5.79 -9.57
N ARG B 203 37.58 -5.11 -10.65
CA ARG B 203 37.84 -5.60 -11.98
C ARG B 203 39.33 -5.58 -12.30
N ARG B 204 39.83 -6.69 -12.83
CA ARG B 204 41.23 -6.81 -13.23
C ARG B 204 41.51 -5.93 -14.43
N PRO B 205 42.70 -5.31 -14.47
CA PRO B 205 43.09 -4.44 -15.59
C PRO B 205 42.98 -5.14 -16.94
N GLY B 206 42.16 -4.58 -17.83
CA GLY B 206 41.93 -5.18 -19.13
C GLY B 206 40.53 -5.72 -19.26
N GLU B 207 39.94 -6.07 -18.11
CA GLU B 207 38.57 -6.54 -18.08
C GLU B 207 37.62 -5.35 -18.20
N GLU B 208 36.49 -5.56 -18.86
CA GLU B 208 35.53 -4.48 -19.07
C GLU B 208 34.73 -4.21 -17.80
N VAL B 209 34.52 -2.93 -17.50
CA VAL B 209 33.78 -2.53 -16.32
C VAL B 209 32.49 -1.82 -16.67
N ASP B 210 31.38 -2.27 -16.06
CA ASP B 210 30.08 -1.65 -16.29
C ASP B 210 29.56 -0.96 -15.04
N ASN B 211 28.25 -0.75 -14.97
CA ASN B 211 27.64 -0.09 -13.83
C ASN B 211 27.35 -1.04 -12.67
N LEU B 212 27.60 -2.33 -12.90
CA LEU B 212 27.19 -3.36 -11.96
C LEU B 212 28.35 -3.98 -11.18
N ASP B 213 29.52 -3.37 -11.27
CA ASP B 213 30.65 -3.81 -10.47
C ASP B 213 31.28 -2.66 -9.69
N LYS B 214 32.15 -3.01 -8.75
CA LYS B 214 32.67 -2.05 -7.78
C LYS B 214 33.61 -1.00 -8.36
N THR B 215 33.65 0.15 -7.70
CA THR B 215 34.61 1.19 -8.02
C THR B 215 35.68 1.23 -6.92
N TYR B 216 35.44 0.50 -5.84
CA TYR B 216 36.40 0.37 -4.75
C TYR B 216 36.17 -0.89 -3.93
N THR B 217 37.25 -1.43 -3.36
CA THR B 217 37.16 -2.54 -2.42
C THR B 217 37.93 -2.21 -1.16
N GLY B 218 37.45 -2.73 -0.02
CA GLY B 218 38.08 -2.41 1.25
C GLY B 218 38.18 -3.58 2.22
N GLN B 219 39.11 -3.45 3.15
CA GLN B 219 39.11 -4.22 4.39
C GLN B 219 39.12 -3.23 5.54
N LEU B 220 38.01 -3.14 6.27
CA LEU B 220 37.86 -2.04 7.20
C LEU B 220 37.47 -2.54 8.57
N THR B 221 38.05 -1.91 9.60
CA THR B 221 37.81 -2.33 10.98
C THR B 221 37.43 -1.13 11.84
N TRP B 222 36.29 -1.22 12.50
CA TRP B 222 35.89 -0.20 13.46
C TRP B 222 36.09 -0.72 14.87
N LEU B 223 36.78 0.06 15.70
N LEU B 223 36.75 0.09 15.69
CA LEU B 223 36.96 -0.28 17.09
CA LEU B 223 36.95 -0.26 17.08
C LEU B 223 36.45 0.85 17.97
C LEU B 223 36.43 0.86 17.97
N GLY B 224 35.45 0.54 18.80
CA GLY B 224 34.75 1.57 19.54
C GLY B 224 34.65 1.32 21.03
N ILE B 225 34.61 2.41 21.78
N ILE B 225 34.68 2.40 21.79
CA ILE B 225 34.28 2.38 23.20
CA ILE B 225 34.26 2.37 23.17
C ILE B 225 33.01 3.21 23.41
C ILE B 225 32.91 3.07 23.26
N GLU B 226 32.12 2.73 24.27
CA GLU B 226 30.84 3.41 24.46
C GLU B 226 30.40 3.41 25.91
N ALA B 227 30.04 4.60 26.39
CA ALA B 227 29.54 4.78 27.74
C ALA B 227 28.14 5.35 27.61
N THR B 228 27.19 4.79 28.35
CA THR B 228 25.82 5.27 28.33
C THR B 228 25.20 5.25 29.71
N GLY B 229 24.37 6.24 29.99
CA GLY B 229 23.60 6.27 31.22
C GLY B 229 22.14 6.41 30.88
N ASP B 230 21.48 5.27 30.69
CA ASP B 230 20.10 5.21 30.21
C ASP B 230 19.91 6.05 28.95
N ALA B 231 20.93 6.06 28.09
CA ALA B 231 20.94 6.85 26.86
C ALA B 231 19.69 6.67 26.03
N TYR B 232 19.28 5.42 25.89
CA TYR B 232 18.21 5.05 24.96
C TYR B 232 17.03 4.46 25.72
N ASN B 233 16.98 4.79 27.01
CA ASN B 233 15.93 4.33 27.91
C ASN B 233 14.89 5.43 28.10
N TYR B 234 13.77 5.32 27.42
CA TYR B 234 12.73 6.33 27.48
C TYR B 234 12.04 6.37 28.85
N ARG B 235 12.21 5.31 29.63
CA ARG B 235 11.61 5.20 30.96
C ARG B 235 12.62 5.44 32.09
N SER B 236 13.65 6.24 31.83
CA SER B 236 14.70 6.43 32.84
C SER B 236 14.19 7.07 34.14
N SER B 237 14.72 6.59 35.27
CA SER B 237 14.40 7.14 36.58
C SER B 237 15.44 8.17 37.03
N MET B 238 16.42 8.43 36.17
CA MET B 238 17.51 9.34 36.54
C MET B 238 17.19 10.72 36.01
N PRO B 239 17.64 11.76 36.73
CA PRO B 239 17.36 13.12 36.26
C PRO B 239 18.21 13.50 35.06
N LEU B 240 19.34 12.83 34.89
CA LEU B 240 20.20 13.09 33.76
C LEU B 240 20.58 11.79 33.07
N ASN B 241 20.58 11.81 31.74
CA ASN B 241 21.01 10.66 30.95
C ASN B 241 22.08 11.09 29.97
N TYR B 242 22.86 10.15 29.47
CA TYR B 242 23.94 10.50 28.57
C TYR B 242 24.38 9.34 27.69
N TRP B 243 24.99 9.67 26.56
CA TRP B 243 25.74 8.71 25.77
C TRP B 243 27.07 9.34 25.39
N ALA B 244 28.10 8.51 25.27
CA ALA B 244 29.37 8.96 24.72
C ALA B 244 30.06 7.79 24.05
N SER B 245 30.48 7.99 22.80
CA SER B 245 31.18 6.95 22.08
C SER B 245 32.29 7.50 21.20
N ALA B 246 33.32 6.68 21.00
CA ALA B 246 34.47 7.06 20.22
C ALA B 246 34.84 5.85 19.39
N THR B 247 35.05 6.04 18.09
CA THR B 247 35.26 4.91 17.20
C THR B 247 36.42 5.18 16.24
N TRP B 248 37.36 4.25 16.21
CA TRP B 248 38.51 4.34 15.33
C TRP B 248 38.33 3.43 14.12
N LEU B 249 38.50 3.99 12.93
CA LEU B 249 38.41 3.22 11.69
C LEU B 249 39.79 3.06 11.06
N THR B 250 40.19 1.82 10.80
CA THR B 250 41.48 1.55 10.17
C THR B 250 41.33 0.51 9.08
N GLY B 251 42.37 0.38 8.26
CA GLY B 251 42.39 -0.58 7.18
C GLY B 251 42.84 0.08 5.89
N ASP B 252 42.30 -0.37 4.75
CA ASP B 252 42.70 0.18 3.46
C ASP B 252 41.64 0.03 2.38
N ARG B 253 41.74 0.87 1.34
CA ARG B 253 40.79 0.84 0.23
C ARG B 253 41.54 0.89 -1.09
N ASP B 254 41.14 0.03 -2.02
CA ASP B 254 41.68 0.06 -3.38
C ASP B 254 40.66 0.70 -4.32
N ASN B 255 41.02 1.83 -4.92
CA ASN B 255 40.13 2.51 -5.85
C ASN B 255 40.45 2.17 -7.29
N LEU B 256 39.46 1.64 -8.01
CA LEU B 256 39.65 1.22 -9.40
C LEU B 256 39.99 2.40 -10.31
N THR B 257 40.94 2.18 -11.22
CA THR B 257 41.28 3.17 -12.22
C THR B 257 40.80 2.70 -13.59
N THR B 258 40.17 3.60 -14.34
CA THR B 258 39.58 3.23 -15.62
C THR B 258 39.89 4.24 -16.73
N THR B 259 40.07 3.72 -17.94
CA THR B 259 40.13 4.55 -19.14
C THR B 259 39.08 4.03 -20.11
N THR B 260 38.45 4.93 -20.86
CA THR B 260 37.39 4.54 -21.77
C THR B 260 37.88 4.44 -23.21
N VAL B 261 37.83 3.25 -23.77
CA VAL B 261 38.13 3.06 -25.18
C VAL B 261 36.83 2.89 -25.98
N ASP B 262 36.65 3.75 -26.97
CA ASP B 262 35.42 3.77 -27.77
C ASP B 262 34.18 3.79 -26.89
N ASP B 263 33.39 2.72 -27.00
CA ASP B 263 32.20 2.55 -26.17
C ASP B 263 32.54 1.91 -24.84
N ARG B 264 33.51 0.99 -24.87
CA ARG B 264 33.87 0.20 -23.69
C ARG B 264 34.56 1.02 -22.60
N ARG B 265 34.39 0.57 -21.36
CA ARG B 265 35.09 1.12 -20.22
C ARG B 265 35.98 0.02 -19.66
N ILE B 266 37.28 0.30 -19.58
CA ILE B 266 38.27 -0.72 -19.23
C ILE B 266 39.04 -0.39 -17.95
N ALA B 267 39.23 -1.40 -17.11
CA ALA B 267 40.04 -1.24 -15.90
C ALA B 267 41.51 -1.17 -16.25
N THR B 268 42.26 -0.32 -15.55
CA THR B 268 43.68 -0.14 -15.84
C THR B 268 44.57 -0.32 -14.61
N GLY B 269 43.94 -0.62 -13.47
CA GLY B 269 44.68 -0.81 -12.24
C GLY B 269 43.90 -0.34 -11.02
N LYS B 270 44.63 0.09 -9.99
CA LYS B 270 44.00 0.55 -8.76
C LYS B 270 44.91 1.46 -7.94
N GLN B 271 44.29 2.41 -7.24
CA GLN B 271 45.01 3.30 -6.33
C GLN B 271 44.71 2.90 -4.90
N SER B 272 45.70 2.35 -4.20
CA SER B 272 45.48 1.89 -2.85
C SER B 272 45.90 2.94 -1.84
N GLY B 273 45.23 2.94 -0.68
CA GLY B 273 45.62 3.78 0.42
C GLY B 273 45.04 3.28 1.73
N ASP B 274 45.77 3.52 2.82
CA ASP B 274 45.28 3.22 4.16
C ASP B 274 44.17 4.19 4.59
N VAL B 275 43.28 3.73 5.46
CA VAL B 275 42.28 4.61 6.04
C VAL B 275 42.66 4.72 7.53
N ASN B 276 42.60 5.93 8.08
CA ASN B 276 42.87 6.12 9.50
C ASN B 276 42.03 7.25 10.06
N ALA B 277 40.80 6.92 10.43
CA ALA B 277 39.78 7.93 10.71
C ALA B 277 39.16 7.73 12.08
N PHE B 278 38.35 8.69 12.49
CA PHE B 278 37.82 8.74 13.85
C PHE B 278 36.45 9.37 13.89
N GLY B 279 35.55 8.78 14.68
CA GLY B 279 34.22 9.30 14.86
C GLY B 279 33.87 9.39 16.33
N VAL B 280 33.06 10.37 16.68
CA VAL B 280 32.65 10.56 18.06
C VAL B 280 31.20 11.05 18.09
N ASP B 281 30.46 10.64 19.12
CA ASP B 281 29.08 11.07 19.28
C ASP B 281 28.84 11.21 20.78
N LEU B 282 28.38 12.38 21.19
CA LEU B 282 28.17 12.65 22.60
C LEU B 282 26.79 13.27 22.78
N GLY B 283 26.15 12.97 23.90
CA GLY B 283 24.85 13.53 24.17
C GLY B 283 24.47 13.55 25.64
N LEU B 284 23.65 14.53 26.00
N LEU B 284 23.62 14.50 26.00
CA LEU B 284 23.20 14.71 27.37
CA LEU B 284 23.21 14.70 27.38
C LEU B 284 21.71 15.00 27.32
C LEU B 284 21.72 15.03 27.36
N ARG B 285 20.93 14.34 28.18
CA ARG B 285 19.49 14.54 28.17
C ARG B 285 19.00 14.81 29.59
N TRP B 286 18.25 15.91 29.73
CA TRP B 286 17.66 16.26 31.00
C TRP B 286 16.27 15.64 31.08
N ASN B 287 16.05 14.81 32.08
CA ASN B 287 14.72 14.31 32.38
C ASN B 287 14.00 15.23 33.35
N ILE B 288 13.30 16.22 32.81
CA ILE B 288 12.72 17.30 33.61
C ILE B 288 11.62 16.77 34.52
N ASP B 289 10.74 15.96 33.95
CA ASP B 289 9.83 15.14 34.75
C ASP B 289 9.46 13.85 34.01
N GLU B 290 8.33 13.26 34.40
CA GLU B 290 7.87 12.02 33.79
C GLU B 290 7.52 12.19 32.32
N GLN B 291 7.20 13.41 31.90
CA GLN B 291 6.80 13.63 30.52
C GLN B 291 7.78 14.46 29.70
N TRP B 292 8.38 15.47 30.31
CA TRP B 292 9.18 16.40 29.53
C TRP B 292 10.64 16.02 29.62
N LYS B 293 11.32 16.07 28.47
CA LYS B 293 12.76 15.89 28.41
C LYS B 293 13.37 16.92 27.48
N ALA B 294 14.66 17.20 27.66
CA ALA B 294 15.38 18.03 26.70
C ALA B 294 16.85 17.67 26.77
N GLY B 295 17.59 18.07 25.74
CA GLY B 295 18.98 17.69 25.64
C GLY B 295 19.77 18.38 24.56
N VAL B 296 21.06 18.06 24.51
CA VAL B 296 21.98 18.62 23.54
C VAL B 296 22.86 17.49 23.04
N GLY B 297 23.32 17.59 21.80
CA GLY B 297 24.18 16.57 21.25
C GLY B 297 25.30 17.13 20.41
N TYR B 298 26.40 16.39 20.33
CA TYR B 298 27.48 16.72 19.42
C TYR B 298 28.05 15.44 18.83
N ALA B 299 28.30 15.47 17.52
CA ALA B 299 28.90 14.33 16.85
C ALA B 299 29.85 14.82 15.79
N ARG B 300 30.87 14.03 15.50
CA ARG B 300 31.84 14.40 14.47
C ARG B 300 32.49 13.16 13.87
N GLY B 301 32.51 13.12 12.54
CA GLY B 301 33.24 12.11 11.80
C GLY B 301 34.37 12.80 11.07
N SER B 302 35.59 12.34 11.24
CA SER B 302 36.76 12.98 10.63
C SER B 302 36.62 12.99 9.11
N GLY B 303 37.36 13.88 8.45
CA GLY B 303 37.27 13.98 7.00
C GLY B 303 38.55 14.28 6.24
N GLY B 304 38.51 13.97 4.95
CA GLY B 304 39.56 14.31 4.01
C GLY B 304 40.89 13.60 4.14
N GLY B 305 41.96 14.40 4.12
CA GLY B 305 43.31 13.88 4.23
C GLY B 305 43.75 13.42 2.84
N LYS B 306 44.99 12.97 2.72
CA LYS B 306 45.51 12.51 1.43
C LYS B 306 44.67 11.36 0.88
N ASP B 307 44.07 11.57 -0.29
CA ASP B 307 43.16 10.59 -0.89
C ASP B 307 42.11 10.05 0.07
N GLY B 308 41.51 10.94 0.87
CA GLY B 308 40.41 10.51 1.72
C GLY B 308 40.77 9.59 2.86
N GLU B 309 42.05 9.46 3.17
CA GLU B 309 42.45 8.51 4.22
C GLU B 309 41.91 8.88 5.61
N GLU B 310 41.64 10.16 5.85
CA GLU B 310 41.15 10.58 7.16
C GLU B 310 39.62 10.67 7.16
N GLN B 311 39.02 10.12 6.11
CA GLN B 311 37.57 10.10 5.92
C GLN B 311 36.87 9.00 6.71
N PHE B 312 36.28 9.34 7.85
CA PHE B 312 35.48 8.35 8.56
C PHE B 312 34.29 7.97 7.70
N GLN B 313 33.85 6.73 7.85
CA GLN B 313 32.58 6.27 7.30
C GLN B 313 31.98 5.25 8.25
N GLN B 314 30.70 4.98 8.08
CA GLN B 314 30.04 3.95 8.88
C GLN B 314 30.03 2.60 8.17
N THR B 315 29.50 1.59 8.85
CA THR B 315 29.62 0.21 8.42
C THR B 315 28.83 -0.05 7.14
N GLY B 316 27.80 0.76 6.89
CA GLY B 316 26.89 0.51 5.80
C GLY B 316 25.69 -0.30 6.23
N LEU B 317 25.69 -0.71 7.50
CA LEU B 317 24.54 -1.42 8.06
C LEU B 317 23.72 -0.51 8.98
N GLU B 318 24.16 0.73 9.15
CA GLU B 318 23.58 1.61 10.15
C GLU B 318 22.26 2.20 9.63
N SER B 319 21.37 2.60 10.55
CA SER B 319 20.22 3.44 10.20
C SER B 319 20.44 4.85 10.72
N ASN B 320 21.34 4.99 11.69
CA ASN B 320 21.47 6.22 12.47
C ASN B 320 20.17 6.69 13.12
N ARG B 321 19.27 5.74 13.38
CA ARG B 321 18.02 6.03 14.07
C ARG B 321 18.02 5.43 15.48
N SER B 322 17.60 6.21 16.47
CA SER B 322 17.64 5.76 17.85
C SER B 322 16.65 6.50 18.73
N ASN B 323 16.47 6.02 19.95
CA ASN B 323 15.62 6.67 20.94
C ASN B 323 16.35 7.76 21.72
N PHE B 324 17.19 8.53 21.04
CA PHE B 324 18.06 9.50 21.71
C PHE B 324 17.30 10.68 22.32
N THR B 325 16.10 10.95 21.84
CA THR B 325 15.29 12.04 22.40
C THR B 325 14.52 11.61 23.66
N GLY B 326 14.66 10.35 24.04
CA GLY B 326 14.11 9.89 25.29
C GLY B 326 12.66 9.45 25.18
N THR B 327 12.24 9.11 23.97
CA THR B 327 10.87 8.64 23.76
C THR B 327 10.84 7.24 23.16
N ARG B 328 9.65 6.64 23.16
CA ARG B 328 9.41 5.33 22.58
C ARG B 328 9.67 5.34 21.08
N SER B 329 9.39 6.47 20.44
CA SER B 329 9.66 6.67 19.01
C SER B 329 11.15 6.86 18.72
N ARG B 330 11.64 6.17 17.70
CA ARG B 330 13.00 6.37 17.21
C ARG B 330 13.07 7.59 16.30
N VAL B 331 14.18 8.32 16.39
CA VAL B 331 14.35 9.56 15.63
C VAL B 331 15.69 9.46 14.90
N HIS B 332 15.76 10.02 13.70
CA HIS B 332 17.04 10.04 12.99
C HIS B 332 18.04 10.99 13.66
N ARG B 333 19.18 10.44 14.04
CA ARG B 333 20.19 11.16 14.81
C ARG B 333 20.73 12.37 14.06
N PHE B 334 20.78 12.27 12.74
CA PHE B 334 21.23 13.38 11.92
C PHE B 334 20.19 13.90 10.92
N GLY B 335 18.94 13.96 11.37
CA GLY B 335 17.88 14.63 10.63
C GLY B 335 17.11 13.74 9.69
N GLU B 336 15.79 13.81 9.76
CA GLU B 336 14.91 13.11 8.82
C GLU B 336 15.11 13.59 7.37
N ALA B 337 15.49 14.84 7.20
CA ALA B 337 15.69 15.39 5.86
C ALA B 337 17.13 15.22 5.39
N PHE B 338 18.08 15.69 6.21
CA PHE B 338 19.49 15.60 5.83
C PHE B 338 20.01 14.17 5.86
N ARG B 339 19.57 13.41 6.86
CA ARG B 339 19.93 12.01 7.03
C ARG B 339 21.44 11.80 6.95
N GLY B 340 22.17 12.63 7.67
CA GLY B 340 23.63 12.61 7.58
C GLY B 340 24.22 11.29 8.02
N GLU B 341 25.31 10.91 7.37
N GLU B 341 25.29 10.90 7.35
CA GLU B 341 26.15 9.82 7.85
CA GLU B 341 26.19 9.84 7.81
C GLU B 341 27.39 10.43 8.46
C GLU B 341 27.37 10.48 8.51
N LEU B 342 27.89 9.83 9.54
CA LEU B 342 28.98 10.42 10.29
C LEU B 342 30.27 10.25 9.50
N SER B 343 30.52 11.21 8.62
CA SER B 343 31.56 11.12 7.61
C SER B 343 31.93 12.51 7.13
N ASN B 344 33.09 12.99 7.56
CA ASN B 344 33.56 14.34 7.27
C ASN B 344 32.48 15.34 7.71
N LEU B 345 31.84 15.03 8.82
CA LEU B 345 30.66 15.79 9.26
C LEU B 345 30.80 16.14 10.73
N GLN B 346 30.50 17.38 11.07
CA GLN B 346 30.32 17.77 12.46
C GLN B 346 28.87 18.18 12.63
N ALA B 347 28.26 17.78 13.72
CA ALA B 347 26.87 18.14 13.98
C ALA B 347 26.67 18.57 15.42
N ALA B 348 25.96 19.68 15.61
CA ALA B 348 25.48 20.06 16.93
C ALA B 348 23.97 19.94 16.95
N THR B 349 23.44 19.45 18.06
CA THR B 349 22.02 19.12 18.12
C THR B 349 21.43 19.63 19.43
N LEU B 350 20.19 20.10 19.38
CA LEU B 350 19.46 20.47 20.57
C LEU B 350 18.11 19.83 20.38
N PHE B 351 17.54 19.27 21.44
CA PHE B 351 16.20 18.70 21.34
C PHE B 351 15.38 18.86 22.62
N GLY B 352 14.06 18.79 22.44
CA GLY B 352 13.12 18.65 23.54
C GLY B 352 12.16 17.53 23.18
N SER B 353 11.60 16.86 24.18
CA SER B 353 10.63 15.81 23.89
C SER B 353 9.53 15.69 24.94
N TRP B 354 8.42 15.09 24.53
CA TRP B 354 7.24 14.95 25.36
C TRP B 354 6.60 13.59 25.13
N GLN B 355 6.08 12.99 26.19
CA GLN B 355 5.30 11.76 26.05
C GLN B 355 4.25 11.66 27.15
N LEU B 356 3.18 10.95 26.86
CA LEU B 356 2.11 10.76 27.83
C LEU B 356 1.81 9.26 27.89
N ARG B 357 2.17 8.64 29.00
CA ARG B 357 2.00 7.21 29.21
C ARG B 357 2.47 6.43 27.98
N GLU B 358 1.62 5.53 27.51
CA GLU B 358 1.92 4.75 26.31
C GLU B 358 1.02 5.21 25.17
N ASP B 359 0.44 6.40 25.31
CA ASP B 359 -0.58 6.87 24.38
C ASP B 359 -0.05 7.84 23.33
N TYR B 360 0.93 8.66 23.72
CA TYR B 360 1.47 9.66 22.81
C TYR B 360 2.93 9.93 23.12
N ASP B 361 3.66 10.36 22.09
CA ASP B 361 4.97 10.96 22.27
C ASP B 361 5.25 11.99 21.17
N ALA B 362 6.26 12.82 21.40
CA ALA B 362 6.62 13.83 20.42
C ALA B 362 8.04 14.33 20.68
N SER B 363 8.74 14.70 19.62
CA SER B 363 10.10 15.19 19.74
C SER B 363 10.31 16.33 18.77
N LEU B 364 11.07 17.33 19.20
CA LEU B 364 11.45 18.43 18.33
C LEU B 364 12.96 18.50 18.37
N VAL B 365 13.60 18.42 17.20
CA VAL B 365 15.05 18.39 17.13
C VAL B 365 15.60 19.46 16.19
N TYR B 366 16.61 20.19 16.65
CA TYR B 366 17.35 21.12 15.81
C TYR B 366 18.76 20.59 15.60
N HIS B 367 19.26 20.70 14.37
CA HIS B 367 20.64 20.38 14.07
C HIS B 367 21.35 21.53 13.36
N LYS B 368 22.63 21.69 13.65
CA LYS B 368 23.55 22.47 12.84
C LYS B 368 24.69 21.60 12.34
N PHE B 369 25.00 21.72 11.04
CA PHE B 369 26.01 20.89 10.42
C PHE B 369 27.15 21.72 9.85
N TRP B 370 28.39 21.24 10.03
CA TRP B 370 29.54 21.84 9.39
C TRP B 370 30.33 20.72 8.72
N ARG B 371 31.04 21.04 7.65
CA ARG B 371 32.00 20.09 7.08
C ARG B 371 33.29 20.14 7.88
N VAL B 372 34.00 19.01 7.96
CA VAL B 372 35.27 18.99 8.67
C VAL B 372 36.41 19.42 7.74
N ASP B 373 36.44 18.81 6.57
CA ASP B 373 37.34 19.19 5.48
C ASP B 373 36.54 19.78 4.34
N ASP B 374 36.77 21.05 4.03
CA ASP B 374 35.91 21.75 3.07
C ASP B 374 36.20 21.43 1.60
N ASP B 375 37.07 20.45 1.33
CA ASP B 375 37.31 20.04 -0.05
C ASP B 375 36.90 18.57 -0.29
N SER B 376 36.22 17.97 0.68
CA SER B 376 35.75 16.59 0.55
C SER B 376 34.24 16.55 0.69
N ASP B 377 33.57 15.57 0.07
CA ASP B 377 32.14 15.45 0.27
C ASP B 377 31.87 15.07 1.73
N ILE B 378 30.63 15.22 2.19
CA ILE B 378 30.21 14.62 3.45
C ILE B 378 29.53 13.25 3.39
N GLY B 379 29.02 12.87 4.56
CA GLY B 379 28.21 11.69 4.76
C GLY B 379 26.76 12.11 4.62
N THR B 380 26.04 11.72 3.59
CA THR B 380 24.64 12.12 3.51
C THR B 380 23.77 11.09 2.79
N SER B 381 22.55 10.92 3.30
CA SER B 381 21.64 9.92 2.76
C SER B 381 20.47 10.53 1.98
N GLY B 382 20.10 11.77 2.28
CA GLY B 382 18.97 12.33 1.57
C GLY B 382 19.14 13.63 0.80
N ILE B 383 20.37 14.11 0.64
CA ILE B 383 20.57 15.32 -0.14
C ILE B 383 21.43 14.96 -1.35
N ASN B 384 20.96 15.23 -2.56
N ASN B 384 20.94 15.25 -2.55
CA ASN B 384 21.73 14.90 -3.74
CA ASN B 384 21.67 14.94 -3.77
C ASN B 384 22.21 16.15 -4.50
C ASN B 384 22.18 16.19 -4.48
N ALA B 385 23.26 16.77 -3.98
CA ALA B 385 23.74 18.04 -4.55
C ALA B 385 25.22 18.26 -4.26
N ALA B 386 25.92 18.87 -5.21
CA ALA B 386 27.36 19.03 -5.09
C ALA B 386 27.70 20.13 -4.09
N LEU B 387 28.79 19.96 -3.36
CA LEU B 387 29.22 20.98 -2.41
C LEU B 387 30.18 21.96 -3.07
N GLN B 388 30.14 23.21 -2.61
CA GLN B 388 31.06 24.22 -3.10
C GLN B 388 32.38 24.10 -2.34
N PRO B 389 33.50 23.95 -3.07
CA PRO B 389 34.85 23.95 -2.48
C PRO B 389 35.05 25.10 -1.49
N GLY B 390 35.70 24.81 -0.37
CA GLY B 390 36.07 25.86 0.58
C GLY B 390 34.96 26.37 1.48
N GLU B 391 33.80 25.73 1.44
CA GLU B 391 32.69 26.13 2.29
C GLU B 391 32.32 25.05 3.31
N LYS B 392 32.33 25.42 4.59
CA LYS B 392 32.06 24.49 5.67
C LYS B 392 30.59 24.44 6.08
N ASP B 393 29.84 25.48 5.74
CA ASP B 393 28.48 25.65 6.23
C ASP B 393 27.47 24.78 5.46
N ILE B 394 27.23 23.59 5.98
CA ILE B 394 26.33 22.64 5.32
C ILE B 394 24.87 23.10 5.42
N GLY B 395 24.43 23.42 6.64
CA GLY B 395 23.11 23.99 6.83
C GLY B 395 22.49 23.68 8.18
N GLN B 396 21.18 23.91 8.28
CA GLN B 396 20.46 23.70 9.52
C GLN B 396 19.21 22.88 9.23
N GLU B 397 18.69 22.21 10.24
CA GLU B 397 17.51 21.39 10.05
C GLU B 397 16.65 21.43 11.31
N LEU B 398 15.33 21.40 11.14
CA LEU B 398 14.41 21.23 12.25
C LEU B 398 13.52 20.03 11.97
N ASP B 399 13.41 19.15 12.95
CA ASP B 399 12.64 17.92 12.78
C ASP B 399 11.56 17.84 13.84
N LEU B 400 10.48 17.17 13.47
CA LEU B 400 9.39 16.92 14.39
C LEU B 400 8.88 15.50 14.19
N VAL B 401 8.74 14.76 15.28
CA VAL B 401 8.18 13.43 15.22
C VAL B 401 7.03 13.46 16.22
N VAL B 402 5.87 12.96 15.80
CA VAL B 402 4.71 12.88 16.68
C VAL B 402 3.96 11.58 16.45
N THR B 403 3.64 10.88 17.53
CA THR B 403 3.08 9.54 17.41
C THR B 403 1.91 9.42 18.39
N LYS B 404 0.83 8.78 17.95
CA LYS B 404 -0.20 8.32 18.86
C LYS B 404 -0.21 6.80 18.74
N TYR B 405 -0.15 6.12 19.89
CA TYR B 405 -0.27 4.67 19.91
C TYR B 405 -1.67 4.20 20.31
N PHE B 406 -2.26 3.39 19.44
CA PHE B 406 -3.63 2.93 19.63
C PHE B 406 -3.61 1.70 20.52
N LYS B 407 -4.70 1.46 21.23
CA LYS B 407 -4.77 0.32 22.15
C LYS B 407 -5.13 -0.96 21.41
N GLN B 408 -4.42 -1.27 20.34
CA GLN B 408 -4.71 -2.44 19.53
C GLN B 408 -3.47 -2.93 18.78
N GLY B 409 -3.46 -4.22 18.46
CA GLY B 409 -2.37 -4.81 17.69
C GLY B 409 -1.04 -4.79 18.41
N LEU B 410 -1.08 -4.91 19.73
CA LEU B 410 0.13 -4.91 20.54
C LEU B 410 0.97 -6.17 20.28
N LEU B 411 2.27 -5.98 20.13
CA LEU B 411 3.19 -7.09 19.91
C LEU B 411 4.14 -7.28 21.07
N PRO B 412 4.60 -8.53 21.28
CA PRO B 412 5.65 -8.81 22.27
C PRO B 412 6.92 -8.04 21.94
N ALA B 413 7.73 -7.77 22.97
CA ALA B 413 8.96 -7.01 22.78
C ALA B 413 10.04 -7.84 22.07
N SER B 414 9.81 -9.14 21.97
CA SER B 414 10.75 -10.05 21.33
C SER B 414 10.69 -9.95 19.81
N MET B 415 9.56 -9.49 19.30
CA MET B 415 9.40 -9.30 17.85
C MET B 415 10.22 -8.09 17.40
N SER B 416 10.85 -8.20 16.24
CA SER B 416 11.80 -7.20 15.77
C SER B 416 11.18 -5.85 15.42
N GLN B 417 9.89 -5.83 15.10
CA GLN B 417 9.24 -4.59 14.72
C GLN B 417 8.63 -3.87 15.92
N TYR B 418 8.91 -4.38 17.12
CA TYR B 418 8.40 -3.77 18.34
C TYR B 418 9.01 -2.39 18.57
N VAL B 419 10.27 -2.23 18.16
CA VAL B 419 11.00 -0.99 18.44
C VAL B 419 10.45 0.22 17.67
N ASP B 420 9.88 -0.05 16.49
CA ASP B 420 9.28 1.02 15.69
C ASP B 420 7.76 0.95 15.74
N GLU B 421 7.23 -0.27 15.76
CA GLU B 421 5.79 -0.50 15.70
C GLU B 421 5.38 -1.52 16.74
N PRO B 422 5.25 -1.10 18.01
CA PRO B 422 4.89 -2.01 19.11
C PRO B 422 3.39 -2.36 19.11
N SER B 423 2.59 -1.50 18.49
CA SER B 423 1.14 -1.69 18.41
C SER B 423 0.62 -0.82 17.28
N ALA B 424 -0.70 -0.66 17.16
CA ALA B 424 -1.19 0.14 16.05
C ALA B 424 -0.63 1.53 16.32
N LEU B 425 -0.40 2.32 15.28
CA LEU B 425 -0.03 3.71 15.51
C LEU B 425 -0.34 4.64 14.35
N ILE B 426 -0.29 5.92 14.65
CA ILE B 426 -0.34 6.95 13.63
C ILE B 426 0.81 7.91 13.98
N ARG B 427 1.72 8.10 13.03
CA ARG B 427 2.94 8.87 13.29
C ARG B 427 3.24 9.84 12.16
N PHE B 428 3.56 11.08 12.53
CA PHE B 428 4.16 12.03 11.61
C PHE B 428 5.67 12.11 11.83
N ARG B 429 6.44 12.04 10.75
CA ARG B 429 7.88 12.22 10.85
C ARG B 429 8.24 13.21 9.75
N GLY B 430 8.75 14.37 10.14
CA GLY B 430 9.09 15.40 9.18
C GLY B 430 10.39 16.12 9.50
N GLY B 431 11.06 16.57 8.44
CA GLY B 431 12.29 17.32 8.59
C GLY B 431 12.31 18.49 7.63
N LEU B 432 12.73 19.65 8.10
CA LEU B 432 12.85 20.82 7.26
C LEU B 432 14.33 21.19 7.22
N PHE B 433 14.92 21.14 6.03
CA PHE B 433 16.36 21.41 5.90
C PHE B 433 16.64 22.73 5.19
N LYS B 434 17.49 23.54 5.80
CA LYS B 434 17.91 24.80 5.20
C LYS B 434 19.39 24.74 4.82
N PRO B 435 19.67 24.58 3.51
CA PRO B 435 21.03 24.44 3.00
C PRO B 435 21.88 25.66 3.34
N GLY B 436 23.14 25.43 3.72
CA GLY B 436 24.05 26.54 4.00
C GLY B 436 24.90 26.92 2.80
N ASP B 437 25.90 27.76 3.05
CA ASP B 437 26.77 28.27 1.99
C ASP B 437 27.51 27.19 1.20
N ALA B 438 27.58 25.97 1.73
CA ALA B 438 28.31 24.92 1.06
C ALA B 438 27.61 24.43 -0.20
N TYR B 439 26.31 24.74 -0.31
CA TYR B 439 25.53 24.33 -1.47
C TYR B 439 25.48 25.39 -2.57
N THR B 443 20.76 27.33 -5.71
CA THR B 443 19.97 26.31 -5.03
C THR B 443 18.83 26.91 -4.21
N ASP B 444 17.75 26.13 -4.07
CA ASP B 444 16.60 26.53 -3.26
C ASP B 444 17.07 26.76 -1.82
N SER B 445 16.37 27.66 -1.13
CA SER B 445 16.68 27.99 0.25
C SER B 445 16.11 27.00 1.26
N THR B 446 15.20 26.14 0.84
CA THR B 446 14.57 25.22 1.78
C THR B 446 14.20 23.91 1.09
N MET B 447 14.26 22.82 1.85
CA MET B 447 13.91 21.48 1.39
C MET B 447 13.28 20.76 2.57
N HIS B 448 12.35 19.85 2.29
CA HIS B 448 11.77 19.04 3.35
C HIS B 448 11.59 17.59 2.94
N ARG B 449 11.50 16.73 3.94
CA ARG B 449 11.04 15.36 3.75
C ARG B 449 10.16 15.02 4.94
N ALA B 450 8.93 14.59 4.66
CA ALA B 450 7.99 14.27 5.73
C ALA B 450 7.19 13.02 5.42
N PHE B 451 6.82 12.32 6.49
CA PHE B 451 6.08 11.07 6.39
C PHE B 451 4.92 11.14 7.35
N VAL B 452 3.81 10.53 6.97
CA VAL B 452 2.82 10.10 7.95
C VAL B 452 2.69 8.58 7.83
N ASP B 453 2.74 7.88 8.95
CA ASP B 453 2.55 6.44 8.92
C ASP B 453 1.37 6.02 9.79
N PHE B 454 0.48 5.22 9.20
CA PHE B 454 -0.61 4.60 9.93
C PHE B 454 -0.43 3.09 9.91
N ILE B 455 -0.40 2.44 11.08
CA ILE B 455 -0.08 1.02 11.07
C ILE B 455 -1.15 0.23 11.83
N TRP B 456 -1.66 -0.82 11.19
CA TRP B 456 -2.64 -1.71 11.80
C TRP B 456 -2.24 -3.18 11.75
N ARG B 457 -2.45 -3.85 12.88
CA ARG B 457 -2.17 -5.27 13.01
C ARG B 457 -3.39 -6.18 13.19
N PHE B 458 -3.46 -7.23 12.39
CA PHE B 458 -4.47 -8.26 12.55
C PHE B 458 -3.83 -9.51 13.15
C1 78M C . -5.57 -9.25 2.85
C2 78M C . -5.82 -10.73 2.67
C3 78M C . -6.52 -11.31 3.90
C4 78M C . -6.87 -12.78 3.67
C5 78M C . -7.45 -13.40 4.94
C6 78M C . -7.85 -14.85 4.72
C7 78M C . -8.32 -15.49 6.03
C8 78M C . -7.16 -15.57 6.99
C9 78M C . -7.36 -15.78 8.28
C10 78M C . -8.77 -15.94 8.82
C11 78M C . -8.72 -16.25 10.31
C1 78M D . -22.20 -26.34 -8.46
C2 78M D . -23.21 -27.25 -7.80
C3 78M D . -24.60 -26.63 -7.79
C4 78M D . -25.65 -27.68 -7.46
C5 78M D . -27.01 -27.07 -7.18
C6 78M D . -28.07 -28.17 -7.12
C7 78M D . -29.06 -27.97 -5.98
C8 78M D . -30.18 -27.07 -6.40
C9 78M D . -31.34 -27.08 -5.75
C10 78M D . -31.55 -28.00 -4.56
C11 78M D . -32.99 -27.89 -4.08
C12 78M D . -33.32 -28.97 -3.06
C13 78M D . -34.77 -28.85 -2.61
C15 78M D . -36.55 -29.77 -1.15
C14 78M D . -35.15 -29.99 -1.65
C1 78M E . -35.61 15.22 -8.93
C2 78M E . -34.94 14.76 -10.20
C3 78M E . -35.58 13.47 -10.71
C4 78M E . -34.58 12.31 -10.69
C5 78M E . -34.32 11.81 -12.11
C6 78M E . -35.58 11.18 -12.70
C7 78M E . -35.68 11.48 -14.19
C8 78M E . -36.97 10.92 -14.74
C9 78M E . -37.47 11.42 -15.86
C10 78M E . -36.75 12.56 -16.55
C11 78M E . -37.42 12.90 -17.87
C12 78M E . -36.64 14.01 -18.57
C13 78M E . -37.12 14.21 -20.01
C15 78M E . -34.83 13.83 -20.87
C14 78M E . -36.00 14.78 -20.87
C1 78M F . -32.27 16.49 3.66
C2 78M F . -32.39 16.65 5.17
C3 78M F . -33.83 16.94 5.58
C4 78M F . -33.92 17.17 7.08
C5 78M F . -35.36 17.13 7.56
C6 78M F . -35.42 17.37 9.07
C7 78M F . -36.78 16.98 9.66
C8 78M F . -36.76 17.29 11.14
C9 78M F . -37.59 16.65 11.96
C10 78M F . -38.57 15.62 11.45
C11 78M F . -39.17 14.88 12.63
C1 78M G . -29.81 19.48 5.41
C2 78M G . -30.63 19.61 6.68
C3 78M G . -29.73 19.83 7.89
C4 78M G . -30.49 20.37 9.09
C5 78M G . -31.53 19.38 9.62
C6 78M G . -31.52 19.37 11.14
C7 78M G . -32.85 18.91 11.70
C8 78M G . -32.69 18.44 13.12
C9 78M G . -33.75 18.05 13.82
C10 78M G . -33.59 17.56 15.23
C11 78M G . -34.97 17.39 15.87
C1 78M H . -34.59 21.92 4.49
C2 78M H . -35.24 22.02 5.84
C3 78M H . -34.24 22.44 6.91
C4 78M H . -34.87 22.47 8.30
C5 78M H . -35.56 21.15 8.60
C6 78M H . -35.49 20.81 10.09
C7 78M H . -36.53 21.58 10.91
C8 78M H . -36.57 20.97 12.29
C9 78M H . -37.36 21.45 13.24
C10 78M H . -38.25 22.64 12.97
C11 78M H . -39.10 22.92 14.21
C1 78M I . -35.99 -18.62 -25.33
C2 78M I . -37.36 -18.74 -24.68
C3 78M I . -37.67 -17.51 -23.82
C4 78M I . -38.98 -17.71 -23.10
C5 78M I . -39.35 -16.86 -22.15
C6 78M I . -40.66 -17.06 -21.42
C7 78M I . -40.79 -16.02 -20.30
C8 78M I . -42.19 -16.06 -19.69
C1 78M J . -6.85 -18.37 -2.56
C2 78M J . -8.10 -18.55 -1.73
C3 78M J . -8.96 -19.68 -2.27
C4 78M J . -9.50 -20.55 -1.14
C5 78M J . -11.00 -20.42 -0.99
C6 78M J . -11.55 -21.48 -0.05
C7 78M J . -10.81 -21.45 1.29
C8 78M J . -11.46 -22.43 2.25
C1 78M K . -42.51 2.74 -19.25
C2 78M K . -41.20 3.25 -18.67
C3 78M K . -41.41 3.86 -17.29
C4 78M K . -40.09 4.32 -16.68
C5 78M K . -40.34 5.21 -15.46
C6 78M K . -41.07 6.49 -15.88
C7 78M K . -41.56 7.25 -14.66
C1 78M L . -18.97 -24.03 -11.63
C2 78M L . -18.44 -24.33 -10.24
C3 78M L . -17.77 -23.12 -9.62
C4 78M L . -16.36 -22.90 -10.15
C5 78M L . -15.49 -22.27 -9.07
C6 78M L . -14.03 -22.14 -9.51
C7 78M L . -13.81 -20.88 -10.33
C8 78M L . -12.33 -20.68 -10.56
C1 78M M . -30.03 24.49 7.37
C2 78M M . -31.14 24.00 8.27
C3 78M M . -30.89 24.41 9.73
C4 78M M . -32.09 24.08 10.59
C5 78M M . -31.68 23.85 12.04
C6 78M M . -32.90 23.67 12.94
C7 78M M . -32.50 23.05 14.28
C8 78M M . -33.68 23.09 15.22
N1 LDA N . -26.73 -21.70 -24.07
O1 LDA N . -26.99 -20.73 -24.81
CM1 LDA N . -26.76 -22.93 -24.88
CM2 LDA N . -25.39 -21.54 -23.48
C1 LDA N . -27.73 -21.79 -23.02
C2 LDA N . -27.42 -22.98 -22.13
C3 LDA N . -28.52 -23.17 -21.11
C4 LDA N . -28.33 -22.27 -19.90
C5 LDA N . -29.65 -21.60 -19.50
C6 LDA N . -30.68 -22.61 -19.01
C7 LDA N . -31.36 -22.13 -17.73
C8 LDA N . -32.69 -22.83 -17.52
C9 LDA N . -33.25 -22.55 -16.12
C10 LDA N . -34.45 -21.61 -16.18
C11 LDA N . -35.56 -22.06 -15.24
C12 LDA N . -36.93 -21.87 -15.87
MG MG O . -20.19 -21.93 10.61
CU CU P . -24.37 -1.91 18.39
CU CU Q . -29.05 7.97 -29.90
O22 78N R . -48.49 5.56 5.46
C19 78N R . -48.00 6.90 5.59
C18 78N R . -48.66 7.78 4.53
O20 78N R . -48.09 9.08 4.60
C17 78N R . -48.39 7.19 3.16
O16 78N R . -46.99 7.30 2.89
C8 78N R . -46.53 7.28 1.51
O15 78N R . -47.36 7.20 0.61
C7 78N R . -45.06 7.40 1.19
C6 78N R . -44.90 8.32 0.00
C5 78N R . -43.43 8.69 -0.22
C4 78N R . -43.29 9.64 -1.41
C3 78N R . -41.93 10.32 -1.37
C2 78N R . -41.78 11.21 -2.57
C1 78N R . -40.70 12.01 -2.69
C9 78N R . -39.65 12.01 -1.61
C10 78N R . -38.57 13.04 -1.96
C11 78N R . -37.64 13.29 -0.79
C12 78N R . -36.63 12.16 -0.62
C13 78N R . -35.63 12.49 0.48
C15 78N R . -34.04 14.21 1.36
C14 78N R . -34.87 13.77 0.18
O22 78N S . -51.03 4.67 3.95
C19 78N S . -51.38 4.44 2.59
C18 78N S . -50.85 3.09 2.14
O20 78N S . -51.73 2.05 2.61
C17 78N S . -50.79 3.03 0.62
O16 78N S . -50.04 4.13 0.12
C8 78N S . -49.28 3.96 -1.11
O15 78N S . -49.63 3.11 -1.91
C7 78N S . -48.07 4.83 -1.42
C6 78N S . -48.12 5.23 -2.88
C5 78N S . -46.84 5.95 -3.30
C4 78N S . -45.61 5.08 -3.06
C3 78N S . -44.52 5.44 -4.06
C2 78N S . -43.45 4.38 -4.06
C1 78N S . -42.95 3.95 -5.20
C9 78N S . -43.45 4.55 -6.51
C10 78N S . -42.77 3.84 -7.68
C11 78N S . -43.40 4.25 -9.00
C12 78N S . -44.74 3.57 -9.22
C13 78N S . -45.18 3.68 -10.68
C15 78N S . -46.75 2.83 -12.43
C14 78N S . -46.35 2.75 -10.97
C ACT T . -23.18 -1.48 21.00
O ACT T . -23.56 -2.64 21.26
OXT ACT T . -23.57 -1.00 19.92
CH3 ACT T . -22.28 -0.72 21.94
C1 78M U . 45.38 5.81 15.55
C2 78M U . 44.85 6.94 16.44
C3 78M U . 44.80 6.48 17.90
C4 78M U . 44.43 7.62 18.84
C5 78M U . 44.06 7.08 20.21
C6 78M U . 43.86 8.23 21.18
C7 78M U . 43.36 8.00 22.39
C8 78M U . 43.15 9.14 23.37
C9 78M U . 42.46 8.61 24.62
C10 78M U . 41.01 9.06 24.70
C1 78M V . 20.52 -17.52 3.37
C2 78M V . 20.53 -16.78 4.69
C3 78M V . 21.12 -17.62 5.81
C4 78M V . 22.10 -16.80 6.64
C5 78M V . 23.47 -16.74 5.99
C6 78M V . 24.44 -15.89 6.80
C7 78M V . 25.85 -16.01 6.23
C8 78M V . 26.72 -14.90 6.79
C9 78M V . 27.98 -14.79 6.42
C1 78M W . 3.51 -12.68 -0.12
C2 78M W . 4.87 -12.85 0.53
C3 78M W . 5.95 -13.13 -0.51
C4 78M W . 7.32 -13.22 0.13
C5 78M W . 8.39 -13.60 -0.89
C6 78M W . 8.44 -12.60 -2.04
C7 78M W . 9.47 -12.97 -3.08
C8 78M W . 10.87 -12.77 -2.54
C9 78M W . 11.92 -12.80 -3.35
C10 78M W . 11.73 -13.04 -4.83
C11 78M W . 12.98 -12.64 -5.58
C12 78M W . 12.84 -12.92 -7.08
C13 78M W . 13.93 -12.22 -7.87
C14 78M W . 13.80 -12.53 -9.36
C1 78M X . 39.39 12.33 21.88
C2 78M X . 39.99 11.28 20.97
C3 78M X . 40.48 11.90 19.66
C4 78M X . 41.10 10.84 18.76
C5 78M X . 41.31 11.40 17.35
C6 78M X . 41.97 10.36 16.45
C7 78M X . 42.13 10.88 15.04
C8 78M X . 42.85 9.87 14.19
C9 78M X . 42.80 9.93 12.87
C10 78M X . 42.00 11.03 12.19
C1 78M Y . 0.18 -15.55 6.49
C2 78M Y . -1.33 -15.42 6.59
C3 78M Y . -1.73 -14.01 6.99
C4 78M Y . -3.25 -13.89 7.10
C5 78M Y . -3.64 -13.08 8.33
C6 78M Y . -3.18 -13.79 9.59
C7 78M Y . -4.30 -13.91 10.62
C8 78M Y . -4.46 -12.59 11.35
C9 78M Y . -5.25 -12.50 12.41
C10 78M Y . -6.00 -13.71 12.91
C11 78M Y . -6.69 -13.36 14.23
C1 78M Z . -1.22 -11.20 2.03
C2 78M Z . -0.71 -10.08 1.15
C3 78M Z . -0.18 -10.62 -0.18
C4 78M Z . -0.25 -9.56 -1.26
C5 78M Z . 0.37 -10.03 -2.57
C6 78M Z . -0.10 -9.18 -3.74
C7 78M Z . 0.86 -8.05 -4.08
C8 78M Z . 0.49 -7.44 -5.41
C9 78M Z . 1.40 -6.93 -6.24
C10 78M Z . 2.86 -6.94 -5.89
C11 78M Z . 3.68 -6.72 -7.16
C1 78M AA . 42.26 -6.61 10.95
C2 78M AA . 41.48 -7.87 11.24
C3 78M AA . 40.37 -7.61 12.25
C4 78M AA . 39.57 -8.88 12.51
C5 78M AA . 38.47 -8.67 13.54
C6 78M AA . 37.66 -9.95 13.70
C7 78M AA . 36.37 -9.74 14.48
C8 78M AA . 36.63 -9.82 15.97
C9 78M AA . 35.66 -10.20 16.79
C10 78M AA . 34.29 -10.54 16.24
C11 78M AA . 33.54 -11.41 17.24
C1 78M BA . 36.48 -0.41 28.78
C2 78M BA . 35.59 -1.47 28.17
C3 78M BA . 34.87 -2.25 29.27
C4 78M BA . 34.12 -3.46 28.70
C5 78M BA . 34.18 -4.61 29.68
C6 78M BA . 33.12 -5.66 29.39
C7 78M BA . 33.44 -6.96 30.13
C8 78M BA . 32.55 -7.11 31.34
C9 78M BA . 32.63 -8.20 32.09
CU CU CA . 14.90 18.20 -8.27
CU CU DA . 17.36 -11.40 22.12
O21 78M EA . 1.82 8.30 -10.22
C20 78M EA . 1.25 6.99 -10.37
C18 78M EA . 0.15 6.83 -9.33
O19 78M EA . -0.53 5.58 -9.52
C17 78M EA . -0.82 8.00 -9.44
O2 78M EA . -1.76 7.98 -8.38
C1 78M EA . -2.11 9.23 -7.73
O1 78M EA . -3.21 9.73 -7.95
C2 78M EA . -1.15 9.89 -6.77
C3 78M EA . -1.96 10.49 -5.62
C4 78M EA . -1.10 10.73 -4.39
C5 78M EA . -1.83 11.66 -3.41
C6 78M EA . -0.89 12.12 -2.29
C7 78M EA . -1.15 11.29 -1.05
C8 78M EA . -0.48 11.55 0.07
C9 78M EA . 0.56 12.65 0.11
C10 78M EA . 0.67 13.13 1.54
C11 78M EA . 2.11 13.15 2.04
C12 78M EA . 2.12 13.36 3.55
C13 78M EA . 3.43 13.97 4.03
C15 78M EA . 2.87 16.19 5.03
C14 78M EA . 3.22 14.75 5.32
O21 78M FA . -7.89 0.21 19.39
C20 78M FA . -8.16 1.09 18.30
C18 78M FA . -7.96 2.53 18.75
O19 78M FA . -8.75 2.77 19.91
C17 78M FA . -8.39 3.48 17.64
O2 78M FA . -7.65 3.27 16.44
C1 78M FA . -8.09 3.93 15.21
O1 78M FA . -8.09 5.14 15.17
C2 78M FA . -8.51 3.12 14.01
C3 78M FA . -9.18 4.00 12.96
C4 78M FA . -8.16 4.65 12.02
C5 78M FA . -8.65 4.62 10.58
C6 78M FA . -7.63 5.25 9.65
C7 78M FA . -7.61 4.56 8.31
C8 78M FA . -6.67 4.87 7.42
C9 78M FA . -5.65 5.91 7.79
C10 78M FA . -4.58 6.04 6.73
C11 78M FA . -3.85 7.37 6.90
C12 78M FA . -2.44 7.34 6.33
C13 78M FA . -1.91 8.75 6.14
C15 78M FA . -1.20 10.27 4.30
C14 78M FA . -1.13 8.86 4.83
O21 78M GA . 3.67 -22.81 19.77
C20 78M GA . 3.99 -22.59 18.39
C18 78M GA . 3.85 -23.91 17.63
O19 78M GA . 4.71 -24.89 18.23
C17 78M GA . 4.22 -23.72 16.16
O2 78M GA . 3.08 -23.29 15.43
C1 78M GA . 3.14 -23.07 14.00
O1 78M GA . 2.10 -23.13 13.34
C2 78M GA . 4.45 -22.78 13.30
C3 78M GA . 4.18 -22.09 11.96
C4 78M GA . 5.22 -21.03 11.62
C5 78M GA . 6.64 -21.56 11.74
C6 78M GA . 7.65 -20.66 11.02
C7 78M GA . 7.45 -20.75 9.54
C8 78M GA . 8.43 -20.49 8.68
C9 78M GA . 9.80 -20.07 9.17
C10 78M GA . 10.82 -20.37 8.08
C11 78M GA . 12.20 -19.82 8.43
C12 78M GA . 13.29 -20.49 7.60
C13 78M GA . 14.65 -19.87 7.87
C15 78M GA . 17.12 -20.07 7.53
C14 78M GA . 15.77 -20.74 7.33
#